data_5GSX
#
_entry.id   5GSX
#
_cell.length_a   102.623
_cell.length_b   68.474
_cell.length_c   145.075
_cell.angle_alpha   90.00
_cell.angle_beta   106.76
_cell.angle_gamma   90.00
#
_symmetry.space_group_name_H-M   'C 1 2 1'
#
loop_
_entity.id
_entity.type
_entity.pdbx_description
1 polymer 'H-2 class I histocompatibility antigen, K-D alpha chain'
2 polymer Beta-2-microglobulin
3 polymer '10-mer peptide from Spike protein'
4 water water
#
loop_
_entity_poly.entity_id
_entity_poly.type
_entity_poly.pdbx_seq_one_letter_code
_entity_poly.pdbx_strand_id
1 'polypeptide(L)'
;GPHSLRYFVTAVSRPGLGEPRFIAVGYVDDTQFVRFDSDADNPRFEPRAPWMEQEGPEYWEEQTQRAKSDEQWFRVSLRT
AQRYYNQSKGGSHTFQRMFGCDVGSDWRLLRGYHQFAYDGRDYIALNEDLKTWTAADTAALITRRKWEQAGDAEYYRAYL
EGECVEWLRRYLELGNETLLRTDSPKAHVTYHPRSQVDVTLRCWALGFYPADITLTWQLNGEDLTQDMELVETRPAGDGT
FQKWAAVVVPLGKEQNYTCHVHHKGLPEPLTLRW
;
A,D
2 'polypeptide(L)'
;IQRTPKIQVYSRHPAENGKSNFLNCYVSGFHPSDIEVDLLKNGERIEKVEHSDLSFSKDWSFYLLYYTEFTPTEKDEYAC
RVNHVTLSQPKIVKWDRDM
;
B,E
3 'polypeptide(L)' FYAPEPITSL C,F
#
# COMPACT_ATOMS: atom_id res chain seq x y z
N GLY A 1 1.31 -34.21 -16.85
CA GLY A 1 0.70 -33.38 -17.87
C GLY A 1 0.71 -31.90 -17.51
N PRO A 2 0.52 -31.01 -18.52
CA PRO A 2 0.53 -29.56 -18.28
C PRO A 2 -0.72 -29.06 -17.55
N HIS A 3 -0.53 -28.16 -16.59
CA HIS A 3 -1.61 -27.62 -15.77
C HIS A 3 -1.36 -26.16 -15.39
N SER A 4 -2.43 -25.45 -15.03
CA SER A 4 -2.30 -24.04 -14.66
C SER A 4 -3.19 -23.62 -13.48
N LEU A 5 -2.68 -22.68 -12.69
CA LEU A 5 -3.42 -22.06 -11.60
C LEU A 5 -3.54 -20.55 -11.86
N ARG A 6 -4.77 -20.05 -12.02
CA ARG A 6 -4.97 -18.66 -12.40
C ARG A 6 -6.01 -17.91 -11.55
N TYR A 7 -5.69 -16.66 -11.23
CA TYR A 7 -6.66 -15.79 -10.59
C TYR A 7 -6.99 -14.63 -11.50
N PHE A 8 -8.26 -14.30 -11.57
CA PHE A 8 -8.72 -13.19 -12.38
C PHE A 8 -9.45 -12.21 -11.46
N VAL A 9 -8.91 -11.01 -11.35
CA VAL A 9 -9.34 -10.08 -10.31
C VAL A 9 -9.86 -8.81 -10.98
N THR A 10 -11.01 -8.32 -10.52
CA THR A 10 -11.61 -7.17 -11.16
C THR A 10 -12.09 -6.13 -10.13
N ALA A 11 -11.78 -4.86 -10.40
CA ALA A 11 -12.24 -3.76 -9.56
C ALA A 11 -12.83 -2.64 -10.40
N VAL A 12 -14.09 -2.30 -10.12
CA VAL A 12 -14.77 -1.24 -10.86
C VAL A 12 -15.23 -0.12 -9.92
N SER A 13 -14.69 1.07 -10.12
CA SER A 13 -15.10 2.24 -9.33
C SER A 13 -16.52 2.68 -9.70
N ARG A 14 -17.31 3.01 -8.68
CA ARG A 14 -18.67 3.50 -8.89
C ARG A 14 -18.93 4.75 -8.04
N PRO A 15 -18.65 5.93 -8.60
CA PRO A 15 -18.75 7.17 -7.82
C PRO A 15 -20.19 7.46 -7.39
N GLY A 16 -20.37 7.91 -6.16
CA GLY A 16 -21.70 8.22 -5.67
C GLY A 16 -22.48 7.00 -5.22
N LEU A 17 -21.93 5.81 -5.48
CA LEU A 17 -22.62 4.55 -5.17
C LEU A 17 -21.92 3.79 -4.05
N GLY A 18 -20.72 4.22 -3.69
CA GLY A 18 -19.97 3.61 -2.61
C GLY A 18 -18.59 3.16 -3.04
N GLU A 19 -17.99 2.26 -2.27
CA GLU A 19 -16.66 1.76 -2.61
C GLU A 19 -16.74 0.92 -3.90
N PRO A 20 -15.60 0.73 -4.59
CA PRO A 20 -15.60 -0.02 -5.86
C PRO A 20 -16.04 -1.49 -5.80
N ARG A 21 -16.49 -2.01 -6.95
CA ARG A 21 -16.82 -3.42 -7.10
C ARG A 21 -15.51 -4.22 -7.14
N PHE A 22 -15.40 -5.28 -6.34
CA PHE A 22 -14.15 -6.03 -6.27
C PHE A 22 -14.48 -7.50 -6.27
N ILE A 23 -13.98 -8.19 -7.27
CA ILE A 23 -14.26 -9.59 -7.41
C ILE A 23 -13.01 -10.33 -7.89
N ALA A 24 -12.73 -11.45 -7.26
CA ALA A 24 -11.63 -12.29 -7.68
C ALA A 24 -12.14 -13.71 -7.87
N VAL A 25 -11.76 -14.34 -8.98
CA VAL A 25 -12.10 -15.74 -9.21
C VAL A 25 -10.83 -16.56 -9.44
N GLY A 26 -10.86 -17.81 -8.99
CA GLY A 26 -9.72 -18.70 -9.11
C GLY A 26 -10.01 -19.93 -9.94
N TYR A 27 -9.10 -20.26 -10.85
CA TYR A 27 -9.24 -21.41 -11.75
C TYR A 27 -8.05 -22.37 -11.64
N VAL A 28 -8.35 -23.66 -11.73
CA VAL A 28 -7.34 -24.64 -12.06
C VAL A 28 -7.71 -25.17 -13.43
N ASP A 29 -6.85 -24.91 -14.42
CA ASP A 29 -7.16 -25.21 -15.82
C ASP A 29 -8.47 -24.51 -16.20
N ASP A 30 -9.47 -25.28 -16.64
CA ASP A 30 -10.75 -24.70 -17.03
C ASP A 30 -11.83 -24.85 -15.97
N THR A 31 -11.43 -25.21 -14.76
CA THR A 31 -12.39 -25.45 -13.70
C THR A 31 -12.26 -24.35 -12.65
N GLN A 32 -13.33 -23.62 -12.39
CA GLN A 32 -13.29 -22.60 -11.34
C GLN A 32 -13.35 -23.28 -9.98
N PHE A 33 -12.61 -22.79 -8.99
CA PHE A 33 -12.63 -23.42 -7.68
C PHE A 33 -12.80 -22.48 -6.44
N VAL A 34 -12.54 -21.17 -6.58
CA VAL A 34 -12.80 -20.21 -5.48
C VAL A 34 -13.33 -18.86 -5.96
N ARG A 35 -13.81 -18.04 -5.03
CA ARG A 35 -14.28 -16.67 -5.34
C ARG A 35 -14.29 -15.68 -4.15
N PHE A 36 -14.30 -14.38 -4.45
CA PHE A 36 -14.48 -13.31 -3.46
C PHE A 36 -15.39 -12.26 -4.07
N ASP A 37 -16.51 -11.98 -3.43
CA ASP A 37 -17.37 -10.96 -4.00
C ASP A 37 -17.59 -9.92 -2.91
N SER A 38 -17.21 -8.68 -3.18
CA SER A 38 -17.31 -7.62 -2.19
C SER A 38 -18.75 -7.22 -1.83
N ASP A 39 -19.70 -7.50 -2.73
CA ASP A 39 -21.14 -7.23 -2.58
C ASP A 39 -21.86 -8.34 -1.87
N ALA A 40 -21.15 -9.41 -1.56
CA ALA A 40 -21.83 -10.52 -0.94
C ALA A 40 -22.12 -10.01 0.45
N ASP A 41 -23.14 -10.57 1.08
CA ASP A 41 -23.54 -10.17 2.41
C ASP A 41 -22.40 -10.33 3.40
N ASN A 42 -21.64 -11.41 3.22
CA ASN A 42 -20.43 -11.58 4.01
C ASN A 42 -19.21 -11.82 3.14
N PRO A 43 -18.33 -10.81 3.06
CA PRO A 43 -17.18 -10.83 2.14
C PRO A 43 -16.09 -11.77 2.64
N ARG A 44 -15.92 -12.88 1.93
CA ARG A 44 -14.94 -13.90 2.28
C ARG A 44 -14.63 -14.78 1.07
N PHE A 45 -13.41 -15.31 0.98
CA PHE A 45 -13.15 -16.29 -0.06
C PHE A 45 -13.96 -17.52 0.27
N GLU A 46 -14.63 -18.08 -0.72
CA GLU A 46 -15.41 -19.29 -0.48
C GLU A 46 -15.22 -20.24 -1.64
N PRO A 47 -15.42 -21.55 -1.39
CA PRO A 47 -15.17 -22.51 -2.47
C PRO A 47 -16.26 -22.48 -3.54
N ARG A 48 -15.85 -22.64 -4.79
CA ARG A 48 -16.79 -22.75 -5.90
C ARG A 48 -16.61 -24.06 -6.65
N ALA A 49 -15.98 -25.02 -5.98
CA ALA A 49 -15.85 -26.36 -6.49
C ALA A 49 -15.94 -27.34 -5.32
N PRO A 50 -16.64 -28.47 -5.52
CA PRO A 50 -16.90 -29.48 -4.48
C PRO A 50 -15.65 -29.95 -3.74
N TRP A 51 -14.53 -30.14 -4.44
CA TRP A 51 -13.31 -30.65 -3.80
C TRP A 51 -12.57 -29.64 -2.90
N MET A 52 -13.09 -28.42 -2.80
CA MET A 52 -12.48 -27.40 -1.96
C MET A 52 -13.16 -27.22 -0.59
N GLU A 53 -14.27 -27.94 -0.39
CA GLU A 53 -15.12 -27.74 0.77
C GLU A 53 -14.55 -28.36 2.05
N GLN A 54 -13.49 -29.13 1.91
CA GLN A 54 -12.90 -29.81 3.06
C GLN A 54 -11.83 -28.97 3.76
N GLU A 55 -11.40 -27.89 3.13
CA GLU A 55 -10.29 -27.10 3.67
C GLU A 55 -10.63 -26.45 5.00
N GLY A 56 -9.60 -26.30 5.84
CA GLY A 56 -9.78 -25.79 7.18
C GLY A 56 -10.00 -24.29 7.20
N PRO A 57 -10.37 -23.75 8.38
CA PRO A 57 -10.66 -22.33 8.50
C PRO A 57 -9.41 -21.48 8.30
N GLU A 58 -8.24 -22.03 8.61
CA GLU A 58 -6.97 -21.32 8.42
C GLU A 58 -6.75 -21.03 6.94
N TYR A 59 -7.10 -21.98 6.08
CA TYR A 59 -7.01 -21.75 4.65
C TYR A 59 -7.88 -20.57 4.24
N TRP A 60 -9.17 -20.64 4.59
CA TRP A 60 -10.11 -19.62 4.16
C TRP A 60 -9.83 -18.24 4.74
N GLU A 61 -9.37 -18.20 5.99
CA GLU A 61 -9.10 -16.91 6.62
C GLU A 61 -7.89 -16.24 5.98
N GLU A 62 -6.88 -17.02 5.62
CA GLU A 62 -5.70 -16.44 4.97
C GLU A 62 -6.01 -15.96 3.57
N GLN A 63 -6.77 -16.77 2.82
CA GLN A 63 -7.24 -16.37 1.50
C GLN A 63 -8.08 -15.08 1.55
N THR A 64 -9.04 -15.02 2.47
CA THR A 64 -9.90 -13.86 2.63
C THR A 64 -9.11 -12.60 2.95
N GLN A 65 -8.13 -12.75 3.84
CA GLN A 65 -7.36 -11.62 4.31
C GLN A 65 -6.37 -11.11 3.25
N ARG A 66 -5.85 -12.02 2.42
CA ARG A 66 -4.96 -11.62 1.31
C ARG A 66 -5.76 -10.91 0.22
N ALA A 67 -7.02 -11.32 0.05
CA ALA A 67 -7.91 -10.70 -0.92
C ALA A 67 -8.36 -9.31 -0.47
N LYS A 68 -8.78 -9.19 0.79
CA LYS A 68 -9.21 -7.91 1.34
C LYS A 68 -8.07 -6.92 1.28
N SER A 69 -6.85 -7.42 1.44
CA SER A 69 -5.67 -6.57 1.36
C SER A 69 -5.45 -6.11 -0.09
N ASP A 70 -5.63 -7.03 -1.04
CA ASP A 70 -5.55 -6.68 -2.46
C ASP A 70 -6.64 -5.67 -2.86
N GLU A 71 -7.86 -5.86 -2.33
CA GLU A 71 -8.97 -4.95 -2.61
C GLU A 71 -8.61 -3.51 -2.24
N GLN A 72 -8.12 -3.31 -1.02
CA GLN A 72 -7.61 -2.01 -0.58
C GLN A 72 -6.58 -1.41 -1.55
N TRP A 73 -5.62 -2.23 -1.98
CA TRP A 73 -4.63 -1.78 -2.93
C TRP A 73 -5.28 -1.26 -4.23
N PHE A 74 -6.34 -1.94 -4.68
CA PHE A 74 -7.07 -1.55 -5.89
C PHE A 74 -7.81 -0.22 -5.74
N ARG A 75 -8.31 0.06 -4.54
CA ARG A 75 -8.96 1.33 -4.29
C ARG A 75 -7.99 2.48 -4.52
N VAL A 76 -6.81 2.38 -3.93
CA VAL A 76 -5.76 3.38 -4.13
C VAL A 76 -5.34 3.45 -5.60
N SER A 77 -5.19 2.30 -6.23
CA SER A 77 -4.71 2.21 -7.60
C SER A 77 -5.68 2.83 -8.61
N LEU A 78 -6.98 2.66 -8.40
CA LEU A 78 -7.98 3.33 -9.24
C LEU A 78 -7.86 4.86 -9.15
N ARG A 79 -7.72 5.35 -7.92
CA ARG A 79 -7.53 6.77 -7.68
C ARG A 79 -6.21 7.24 -8.29
N THR A 80 -5.13 6.50 -8.02
CA THR A 80 -3.82 6.84 -8.56
C THR A 80 -3.85 6.81 -10.09
N ALA A 81 -4.50 5.79 -10.65
CA ALA A 81 -4.62 5.67 -12.11
C ALA A 81 -5.31 6.88 -12.74
N GLN A 82 -6.44 7.27 -12.18
CA GLN A 82 -7.18 8.41 -12.70
C GLN A 82 -6.36 9.69 -12.69
N ARG A 83 -5.53 9.85 -11.66
CA ARG A 83 -4.64 11.02 -11.57
C ARG A 83 -3.52 10.99 -12.60
N TYR A 84 -2.85 9.85 -12.74
CA TYR A 84 -1.77 9.68 -13.71
C TYR A 84 -2.20 10.13 -15.10
N TYR A 85 -3.41 9.75 -15.50
CA TYR A 85 -3.84 10.01 -16.86
C TYR A 85 -4.46 11.40 -17.04
N ASN A 86 -4.91 12.01 -15.94
CA ASN A 86 -5.62 13.29 -15.93
C ASN A 86 -7.05 13.12 -16.42
N GLN A 87 -7.69 12.03 -16.02
CA GLN A 87 -9.06 11.79 -16.47
C GLN A 87 -10.02 12.59 -15.59
N SER A 88 -11.25 12.75 -16.07
CA SER A 88 -12.27 13.46 -15.32
C SER A 88 -12.69 12.65 -14.10
N LYS A 89 -12.88 13.34 -12.98
CA LYS A 89 -13.28 12.68 -11.74
C LYS A 89 -14.77 12.38 -11.88
N GLY A 90 -15.28 11.42 -11.12
CA GLY A 90 -16.69 11.11 -11.22
C GLY A 90 -17.07 10.00 -12.18
N GLY A 91 -16.16 9.65 -13.10
CA GLY A 91 -16.43 8.57 -14.03
C GLY A 91 -16.19 7.20 -13.43
N SER A 92 -16.71 6.17 -14.09
CA SER A 92 -16.47 4.80 -13.65
C SER A 92 -15.30 4.21 -14.41
N HIS A 93 -14.42 3.49 -13.70
CA HIS A 93 -13.26 2.90 -14.33
C HIS A 93 -13.00 1.49 -13.83
N THR A 94 -12.18 0.77 -14.58
CA THR A 94 -11.96 -0.63 -14.31
C THR A 94 -10.47 -0.90 -14.12
N PHE A 95 -10.16 -1.74 -13.15
CA PHE A 95 -8.81 -2.25 -12.98
C PHE A 95 -8.87 -3.77 -12.93
N GLN A 96 -7.97 -4.43 -13.64
CA GLN A 96 -7.90 -5.89 -13.63
C GLN A 96 -6.50 -6.41 -13.35
N ARG A 97 -6.44 -7.53 -12.65
CA ARG A 97 -5.19 -8.22 -12.39
C ARG A 97 -5.35 -9.68 -12.77
N MET A 98 -4.35 -10.24 -13.42
CA MET A 98 -4.30 -11.68 -13.62
C MET A 98 -2.94 -12.17 -13.11
N PHE A 99 -2.97 -13.22 -12.30
CA PHE A 99 -1.72 -13.80 -11.82
C PHE A 99 -1.87 -15.29 -11.61
N GLY A 100 -0.75 -16.00 -11.62
CA GLY A 100 -0.74 -17.42 -11.38
C GLY A 100 0.40 -18.10 -12.10
N CYS A 101 0.34 -19.42 -12.21
CA CYS A 101 1.45 -20.18 -12.75
C CYS A 101 1.03 -21.29 -13.70
N ASP A 102 1.79 -21.44 -14.78
CA ASP A 102 1.65 -22.58 -15.69
C ASP A 102 2.83 -23.53 -15.47
N VAL A 103 2.54 -24.81 -15.28
CA VAL A 103 3.60 -25.81 -15.17
C VAL A 103 3.52 -26.85 -16.28
N GLY A 104 4.70 -27.34 -16.67
CA GLY A 104 4.80 -28.37 -17.69
C GLY A 104 4.76 -29.73 -17.05
N SER A 105 4.93 -30.77 -17.86
CA SER A 105 4.82 -32.14 -17.34
C SER A 105 6.04 -32.57 -16.52
N ASP A 106 7.07 -31.72 -16.47
CA ASP A 106 8.21 -31.98 -15.59
C ASP A 106 8.14 -31.10 -14.35
N TRP A 107 6.92 -30.71 -13.98
CA TRP A 107 6.61 -29.91 -12.80
C TRP A 107 7.48 -28.67 -12.67
N ARG A 108 7.51 -27.90 -13.74
CA ARG A 108 8.48 -26.85 -13.92
C ARG A 108 7.76 -25.59 -14.40
N LEU A 109 8.13 -24.44 -13.82
CA LEU A 109 7.37 -23.22 -14.08
C LEU A 109 7.59 -22.71 -15.51
N LEU A 110 6.68 -23.06 -16.40
CA LEU A 110 6.76 -22.63 -17.80
C LEU A 110 6.53 -21.12 -17.92
N ARG A 111 5.65 -20.60 -17.07
CA ARG A 111 5.27 -19.20 -17.13
C ARG A 111 4.61 -18.75 -15.84
N GLY A 112 5.11 -17.65 -15.29
CA GLY A 112 4.55 -17.03 -14.11
C GLY A 112 3.96 -15.68 -14.45
N TYR A 113 2.77 -15.39 -13.92
CA TYR A 113 2.07 -14.17 -14.28
C TYR A 113 1.87 -13.20 -13.13
N HIS A 114 2.09 -11.92 -13.43
CA HIS A 114 1.66 -10.83 -12.58
C HIS A 114 1.47 -9.60 -13.45
N GLN A 115 0.25 -9.40 -13.94
CA GLN A 115 0.01 -8.37 -14.94
C GLN A 115 -1.31 -7.65 -14.71
N PHE A 116 -1.38 -6.42 -15.20
CA PHE A 116 -2.49 -5.54 -14.90
C PHE A 116 -3.01 -4.84 -16.15
N ALA A 117 -4.31 -4.54 -16.12
CA ALA A 117 -4.94 -3.74 -17.15
C ALA A 117 -5.79 -2.63 -16.55
N TYR A 118 -5.74 -1.46 -17.16
CA TYR A 118 -6.58 -0.34 -16.76
C TYR A 118 -7.53 0.01 -17.90
N ASP A 119 -8.83 0.08 -17.59
CA ASP A 119 -9.87 0.35 -18.58
C ASP A 119 -9.81 -0.56 -19.80
N GLY A 120 -9.49 -1.83 -19.58
CA GLY A 120 -9.48 -2.83 -20.64
C GLY A 120 -8.23 -2.86 -21.50
N ARG A 121 -7.24 -2.03 -21.16
CA ARG A 121 -5.98 -1.94 -21.91
C ARG A 121 -4.82 -2.39 -21.04
N ASP A 122 -3.82 -3.05 -21.63
CA ASP A 122 -2.60 -3.43 -20.91
C ASP A 122 -2.02 -2.25 -20.16
N TYR A 123 -1.60 -2.48 -18.91
CA TYR A 123 -0.95 -1.42 -18.14
C TYR A 123 0.49 -1.80 -17.80
N ILE A 124 0.67 -2.86 -17.01
CA ILE A 124 2.01 -3.31 -16.68
C ILE A 124 2.00 -4.83 -16.50
N ALA A 125 3.08 -5.48 -16.91
CA ALA A 125 3.17 -6.93 -16.85
C ALA A 125 4.57 -7.37 -16.47
N LEU A 126 4.64 -8.38 -15.62
CA LEU A 126 5.90 -9.02 -15.29
C LEU A 126 6.31 -9.90 -16.49
N ASN A 127 7.49 -9.64 -17.02
CA ASN A 127 8.03 -10.41 -18.12
C ASN A 127 8.30 -11.87 -17.73
N GLU A 128 8.50 -12.71 -18.72
CA GLU A 128 8.67 -14.16 -18.56
C GLU A 128 9.88 -14.53 -17.69
N ASP A 129 10.87 -13.66 -17.64
CA ASP A 129 12.07 -13.89 -16.83
C ASP A 129 11.84 -13.70 -15.33
N LEU A 130 10.64 -13.21 -14.99
CA LEU A 130 10.22 -12.93 -13.60
C LEU A 130 11.12 -11.94 -12.89
N LYS A 131 11.80 -11.10 -13.66
CA LYS A 131 12.76 -10.14 -13.10
C LYS A 131 12.50 -8.72 -13.62
N THR A 132 11.99 -8.61 -14.85
CA THR A 132 11.79 -7.31 -15.50
C THR A 132 10.31 -7.02 -15.81
N TRP A 133 10.02 -5.76 -16.14
CA TRP A 133 8.65 -5.29 -16.30
C TRP A 133 8.39 -4.66 -17.67
N THR A 134 7.20 -4.87 -18.20
CA THR A 134 6.78 -4.19 -19.43
C THR A 134 5.73 -3.12 -19.14
N ALA A 135 6.10 -1.85 -19.35
CA ALA A 135 5.19 -0.73 -19.20
C ALA A 135 4.50 -0.39 -20.53
N ALA A 136 3.18 -0.27 -20.50
CA ALA A 136 2.41 -0.05 -21.71
C ALA A 136 2.46 1.40 -22.20
N ASP A 137 2.82 2.32 -21.30
CA ASP A 137 2.79 3.75 -21.60
C ASP A 137 3.49 4.56 -20.51
N THR A 138 3.58 5.87 -20.71
CA THR A 138 4.38 6.74 -19.85
C THR A 138 3.87 6.80 -18.41
N ALA A 139 2.59 6.52 -18.23
CA ALA A 139 2.03 6.44 -16.89
C ALA A 139 2.56 5.21 -16.17
N ALA A 140 2.54 4.09 -16.88
CA ALA A 140 2.99 2.82 -16.33
C ALA A 140 4.49 2.85 -16.05
N LEU A 141 5.21 3.72 -16.77
CA LEU A 141 6.63 3.90 -16.54
C LEU A 141 6.92 4.39 -15.13
N ILE A 142 6.02 5.18 -14.60
CA ILE A 142 6.16 5.69 -13.25
C ILE A 142 6.03 4.54 -12.26
N THR A 143 5.07 3.66 -12.53
CA THR A 143 4.85 2.48 -11.71
C THR A 143 5.98 1.48 -11.85
N ARG A 144 6.39 1.22 -13.08
CA ARG A 144 7.52 0.32 -13.33
C ARG A 144 8.74 0.77 -12.54
N ARG A 145 8.96 2.08 -12.54
CA ARG A 145 10.10 2.69 -11.85
C ARG A 145 10.05 2.43 -10.34
N LYS A 146 8.86 2.52 -9.76
CA LYS A 146 8.67 2.29 -8.33
C LYS A 146 8.82 0.82 -7.98
N TRP A 147 8.32 -0.05 -8.85
CA TRP A 147 8.33 -1.49 -8.58
C TRP A 147 9.73 -2.09 -8.78
N GLU A 148 10.50 -1.48 -9.68
CA GLU A 148 11.89 -1.85 -9.88
C GLU A 148 12.71 -1.57 -8.63
N GLN A 149 12.56 -0.36 -8.11
CA GLN A 149 13.31 0.10 -6.94
C GLN A 149 12.91 -0.66 -5.68
N ALA A 150 11.65 -1.05 -5.58
CA ALA A 150 11.15 -1.75 -4.41
C ALA A 150 11.42 -3.24 -4.46
N GLY A 151 11.74 -3.76 -5.64
CA GLY A 151 12.04 -5.18 -5.78
C GLY A 151 10.82 -6.08 -5.83
N ASP A 152 9.76 -5.64 -6.50
CA ASP A 152 8.49 -6.37 -6.53
C ASP A 152 8.59 -7.65 -7.32
N ALA A 153 9.38 -7.60 -8.40
CA ALA A 153 9.70 -8.78 -9.20
C ALA A 153 10.14 -9.97 -8.34
N GLU A 154 11.12 -9.76 -7.48
CA GLU A 154 11.63 -10.84 -6.63
C GLU A 154 10.56 -11.33 -5.66
N TYR A 155 9.78 -10.40 -5.12
CA TYR A 155 8.72 -10.72 -4.17
C TYR A 155 7.65 -11.64 -4.79
N TYR A 156 7.24 -11.35 -6.02
CA TYR A 156 6.25 -12.20 -6.67
C TYR A 156 6.86 -13.45 -7.33
N ARG A 157 8.12 -13.39 -7.75
CA ARG A 157 8.77 -14.59 -8.24
C ARG A 157 8.79 -15.67 -7.15
N ALA A 158 9.13 -15.24 -5.94
CA ALA A 158 9.11 -16.12 -4.78
C ALA A 158 7.74 -16.78 -4.62
N TYR A 159 6.67 -16.00 -4.78
CA TYR A 159 5.32 -16.54 -4.72
C TYR A 159 5.05 -17.49 -5.90
N LEU A 160 5.32 -17.03 -7.11
CA LEU A 160 5.07 -17.79 -8.33
C LEU A 160 5.79 -19.15 -8.37
N GLU A 161 7.01 -19.18 -7.87
CA GLU A 161 7.82 -20.40 -7.86
C GLU A 161 7.57 -21.29 -6.65
N GLY A 162 7.00 -20.70 -5.60
CA GLY A 162 6.74 -21.43 -4.37
C GLY A 162 5.27 -21.75 -4.12
N GLU A 163 4.62 -20.92 -3.31
CA GLU A 163 3.23 -21.08 -2.93
C GLU A 163 2.31 -21.45 -4.09
N CYS A 164 2.46 -20.75 -5.20
CA CYS A 164 1.58 -20.94 -6.35
C CYS A 164 1.66 -22.35 -6.91
N VAL A 165 2.89 -22.81 -7.14
CA VAL A 165 3.14 -24.11 -7.72
C VAL A 165 2.89 -25.21 -6.68
N GLU A 166 3.20 -24.91 -5.42
CA GLU A 166 3.00 -25.88 -4.35
C GLU A 166 1.52 -26.17 -4.13
N TRP A 167 0.70 -25.12 -4.21
CA TRP A 167 -0.74 -25.29 -4.00
C TRP A 167 -1.46 -25.73 -5.27
N LEU A 168 -0.88 -25.46 -6.44
CA LEU A 168 -1.38 -26.07 -7.66
C LEU A 168 -1.31 -27.59 -7.51
N ARG A 169 -0.19 -28.09 -6.98
CA ARG A 169 -0.02 -29.51 -6.75
C ARG A 169 -1.10 -30.06 -5.84
N ARG A 170 -1.38 -29.34 -4.76
CA ARG A 170 -2.40 -29.74 -3.79
C ARG A 170 -3.81 -29.76 -4.41
N TYR A 171 -4.14 -28.76 -5.21
CA TYR A 171 -5.45 -28.68 -5.85
C TYR A 171 -5.67 -29.86 -6.81
N LEU A 172 -4.61 -30.23 -7.52
CA LEU A 172 -4.69 -31.33 -8.47
C LEU A 172 -4.93 -32.64 -7.74
N GLU A 173 -4.46 -32.72 -6.50
CA GLU A 173 -4.65 -33.89 -5.65
C GLU A 173 -6.07 -33.94 -5.12
N LEU A 174 -6.50 -32.83 -4.53
CA LEU A 174 -7.84 -32.67 -4.02
C LEU A 174 -8.92 -33.04 -5.05
N GLY A 175 -8.77 -32.62 -6.29
CA GLY A 175 -9.78 -32.87 -7.30
C GLY A 175 -9.38 -33.76 -8.45
N ASN A 176 -8.48 -34.71 -8.19
CA ASN A 176 -7.98 -35.63 -9.22
C ASN A 176 -9.10 -36.34 -9.97
N GLU A 177 -10.17 -36.67 -9.25
CA GLU A 177 -11.33 -37.34 -9.83
C GLU A 177 -11.90 -36.55 -11.01
N THR A 178 -11.88 -35.22 -10.90
CA THR A 178 -12.49 -34.37 -11.92
C THR A 178 -11.50 -33.61 -12.77
N LEU A 179 -10.41 -33.15 -12.15
CA LEU A 179 -9.46 -32.26 -12.83
C LEU A 179 -8.62 -32.97 -13.87
N LEU A 180 -8.31 -34.24 -13.64
CA LEU A 180 -7.39 -34.98 -14.51
C LEU A 180 -8.12 -35.75 -15.60
N ARG A 181 -9.39 -35.44 -15.78
CA ARG A 181 -10.22 -36.17 -16.73
C ARG A 181 -10.11 -35.56 -18.12
N THR A 182 -10.36 -36.38 -19.14
CA THR A 182 -10.53 -35.86 -20.49
C THR A 182 -11.84 -36.40 -21.03
N ASP A 183 -12.88 -35.57 -20.99
CA ASP A 183 -14.16 -35.92 -21.59
C ASP A 183 -14.12 -35.66 -23.09
N SER A 184 -14.16 -36.72 -23.89
CA SER A 184 -14.12 -36.54 -25.34
C SER A 184 -15.40 -35.90 -25.86
N PRO A 185 -15.30 -35.12 -26.94
CA PRO A 185 -16.51 -34.51 -27.48
C PRO A 185 -17.40 -35.51 -28.20
N LYS A 186 -18.71 -35.33 -28.07
CA LYS A 186 -19.67 -36.08 -28.87
C LYS A 186 -19.96 -35.22 -30.08
N ALA A 187 -19.70 -35.74 -31.27
CA ALA A 187 -19.79 -34.88 -32.45
C ALA A 187 -20.83 -35.38 -33.43
N HIS A 188 -21.45 -34.45 -34.15
CA HIS A 188 -22.41 -34.77 -35.19
C HIS A 188 -22.63 -33.57 -36.11
N VAL A 189 -23.11 -33.83 -37.32
CA VAL A 189 -23.43 -32.75 -38.26
C VAL A 189 -24.95 -32.55 -38.36
N THR A 190 -25.37 -31.29 -38.45
CA THR A 190 -26.79 -30.98 -38.65
C THR A 190 -26.99 -30.25 -39.97
N TYR A 191 -28.17 -30.42 -40.55
CA TYR A 191 -28.49 -29.96 -41.90
C TYR A 191 -29.60 -28.92 -41.88
N HIS A 192 -29.33 -27.74 -42.42
CA HIS A 192 -30.33 -26.68 -42.37
C HIS A 192 -30.51 -25.96 -43.71
N PRO A 193 -31.68 -26.17 -44.35
CA PRO A 193 -32.06 -25.49 -45.59
C PRO A 193 -31.91 -23.97 -45.49
N ARG A 194 -31.27 -23.39 -46.48
CA ARG A 194 -31.16 -21.94 -46.60
C ARG A 194 -32.08 -21.40 -47.70
N SER A 195 -31.49 -21.29 -48.89
CA SER A 195 -32.12 -20.79 -50.11
C SER A 195 -32.59 -21.93 -51.03
N GLN A 196 -32.76 -21.63 -52.31
CA GLN A 196 -33.06 -22.66 -53.30
C GLN A 196 -31.82 -23.25 -54.00
N VAL A 197 -30.61 -22.78 -53.66
CA VAL A 197 -29.38 -23.36 -54.21
C VAL A 197 -28.33 -23.75 -53.15
N ASP A 198 -28.31 -23.00 -52.05
CA ASP A 198 -27.34 -23.21 -50.97
C ASP A 198 -27.93 -24.04 -49.83
N VAL A 199 -27.07 -24.49 -48.92
CA VAL A 199 -27.57 -25.11 -47.70
C VAL A 199 -26.52 -24.99 -46.58
N THR A 200 -26.97 -24.92 -45.33
CA THR A 200 -26.05 -24.82 -44.20
C THR A 200 -25.68 -26.19 -43.60
N LEU A 201 -24.39 -26.42 -43.42
CA LEU A 201 -23.90 -27.57 -42.69
C LEU A 201 -23.24 -27.13 -41.37
N ARG A 202 -23.71 -27.69 -40.26
CA ARG A 202 -23.18 -27.32 -38.95
C ARG A 202 -22.59 -28.53 -38.22
N CYS A 203 -21.31 -28.44 -37.88
CA CYS A 203 -20.62 -29.49 -37.13
C CYS A 203 -20.53 -29.15 -35.65
N TRP A 204 -21.08 -30.04 -34.81
CA TRP A 204 -21.19 -29.82 -33.37
C TRP A 204 -20.16 -30.62 -32.58
N ALA A 205 -19.58 -30.02 -31.56
CA ALA A 205 -18.77 -30.78 -30.58
C ALA A 205 -19.29 -30.49 -29.18
N LEU A 206 -19.79 -31.51 -28.49
CA LEU A 206 -20.47 -31.30 -27.22
C LEU A 206 -19.91 -32.17 -26.10
N GLY A 207 -20.03 -31.68 -24.87
CA GLY A 207 -19.73 -32.49 -23.69
C GLY A 207 -18.26 -32.71 -23.38
N PHE A 208 -17.38 -31.85 -23.90
CA PHE A 208 -15.94 -32.11 -23.77
C PHE A 208 -15.22 -31.30 -22.69
N TYR A 209 -14.16 -31.89 -22.16
CA TYR A 209 -13.26 -31.23 -21.21
C TYR A 209 -11.85 -31.81 -21.41
N PRO A 210 -10.82 -30.95 -21.44
CA PRO A 210 -10.84 -29.50 -21.24
C PRO A 210 -11.40 -28.70 -22.42
N ALA A 211 -11.35 -27.37 -22.34
CA ALA A 211 -12.09 -26.53 -23.27
C ALA A 211 -11.40 -26.35 -24.63
N ASP A 212 -10.09 -26.57 -24.67
CA ASP A 212 -9.36 -26.47 -25.93
C ASP A 212 -9.80 -27.55 -26.90
N ILE A 213 -10.12 -27.14 -28.11
CA ILE A 213 -10.59 -28.07 -29.12
C ILE A 213 -10.23 -27.50 -30.49
N THR A 214 -10.17 -28.37 -31.49
CA THR A 214 -9.91 -27.94 -32.86
C THR A 214 -11.04 -28.49 -33.74
N LEU A 215 -11.78 -27.57 -34.35
CA LEU A 215 -12.98 -27.89 -35.13
C LEU A 215 -12.98 -27.16 -36.46
N THR A 216 -12.92 -27.91 -37.57
CA THR A 216 -12.95 -27.30 -38.90
C THR A 216 -13.65 -28.16 -39.96
N TRP A 217 -13.87 -27.53 -41.12
CA TRP A 217 -14.37 -28.20 -42.32
C TRP A 217 -13.31 -28.14 -43.41
N GLN A 218 -13.29 -29.13 -44.29
CA GLN A 218 -12.51 -28.96 -45.52
C GLN A 218 -13.23 -29.56 -46.73
N LEU A 219 -12.92 -29.01 -47.91
CA LEU A 219 -13.55 -29.39 -49.16
C LEU A 219 -12.61 -30.30 -49.92
N ASN A 220 -12.96 -31.58 -50.00
CA ASN A 220 -12.15 -32.57 -50.72
C ASN A 220 -10.78 -32.83 -50.08
N GLY A 221 -10.45 -32.11 -49.01
CA GLY A 221 -9.20 -32.32 -48.30
C GLY A 221 -8.39 -31.06 -48.12
N GLU A 222 -8.51 -30.12 -49.04
CA GLU A 222 -7.81 -28.84 -48.89
C GLU A 222 -8.63 -27.89 -48.03
N ASP A 223 -7.96 -26.86 -47.51
CA ASP A 223 -8.54 -25.90 -46.59
C ASP A 223 -9.69 -25.15 -47.28
N LEU A 224 -10.48 -24.41 -46.50
CA LEU A 224 -11.65 -23.75 -47.08
C LEU A 224 -11.27 -22.41 -47.69
N THR A 225 -11.95 -22.04 -48.76
CA THR A 225 -11.87 -20.68 -49.30
C THR A 225 -13.12 -19.87 -49.01
N GLN A 226 -14.14 -20.49 -48.41
CA GLN A 226 -15.45 -19.83 -48.36
C GLN A 226 -15.47 -18.82 -47.23
N ASP A 227 -16.32 -19.06 -46.24
CA ASP A 227 -16.38 -18.19 -45.07
C ASP A 227 -16.96 -18.88 -43.84
N MET A 228 -16.18 -19.77 -43.23
CA MET A 228 -16.74 -20.69 -42.24
C MET A 228 -17.12 -19.87 -41.00
N GLU A 229 -18.26 -20.18 -40.39
CA GLU A 229 -18.53 -19.67 -39.06
C GLU A 229 -18.08 -20.64 -37.98
N LEU A 230 -17.27 -20.13 -37.06
CA LEU A 230 -16.80 -20.90 -35.93
C LEU A 230 -17.04 -20.11 -34.65
N VAL A 231 -18.08 -20.49 -33.90
CA VAL A 231 -18.45 -19.74 -32.70
C VAL A 231 -17.48 -19.99 -31.56
N GLU A 232 -17.48 -19.06 -30.60
CA GLU A 232 -16.68 -19.20 -29.40
C GLU A 232 -17.07 -20.45 -28.63
N THR A 233 -16.06 -21.20 -28.19
CA THR A 233 -16.27 -22.27 -27.24
C THR A 233 -17.06 -21.72 -26.07
N ARG A 234 -18.02 -22.49 -25.57
CA ARG A 234 -18.95 -21.98 -24.57
C ARG A 234 -19.22 -23.05 -23.53
N PRO A 235 -19.48 -22.63 -22.28
CA PRO A 235 -19.71 -23.58 -21.18
C PRO A 235 -21.14 -24.13 -21.20
N ALA A 236 -21.25 -25.45 -21.06
CA ALA A 236 -22.54 -26.13 -21.06
C ALA A 236 -23.26 -25.87 -19.76
N GLY A 237 -22.50 -25.53 -18.73
CA GLY A 237 -23.07 -25.25 -17.43
C GLY A 237 -22.76 -26.34 -16.42
N ASP A 238 -22.30 -27.49 -16.90
CA ASP A 238 -22.01 -28.60 -16.01
C ASP A 238 -20.52 -28.97 -15.93
N GLY A 239 -19.64 -28.05 -16.33
CA GLY A 239 -18.23 -28.35 -16.36
C GLY A 239 -17.70 -28.79 -17.72
N THR A 240 -18.60 -29.01 -18.67
CA THR A 240 -18.18 -29.33 -20.04
C THR A 240 -18.39 -28.13 -20.96
N PHE A 241 -17.94 -28.28 -22.21
CA PHE A 241 -17.94 -27.15 -23.15
C PHE A 241 -18.54 -27.55 -24.49
N GLN A 242 -18.95 -26.55 -25.27
CA GLN A 242 -19.55 -26.80 -26.57
C GLN A 242 -18.93 -25.88 -27.61
N LYS A 243 -18.97 -26.32 -28.87
CA LYS A 243 -18.53 -25.48 -29.98
C LYS A 243 -19.17 -26.00 -31.27
N TRP A 244 -19.39 -25.11 -32.24
CA TRP A 244 -19.70 -25.61 -33.57
C TRP A 244 -19.06 -24.76 -34.68
N ALA A 245 -18.92 -25.39 -35.83
CA ALA A 245 -18.36 -24.75 -37.01
C ALA A 245 -19.26 -25.02 -38.19
N ALA A 246 -19.63 -23.98 -38.92
CA ALA A 246 -20.60 -24.12 -39.99
C ALA A 246 -20.09 -23.57 -41.31
N VAL A 247 -20.53 -24.19 -42.40
CA VAL A 247 -20.20 -23.72 -43.74
C VAL A 247 -21.44 -23.74 -44.63
N VAL A 248 -21.50 -22.81 -45.59
CA VAL A 248 -22.61 -22.78 -46.55
C VAL A 248 -22.16 -23.47 -47.84
N VAL A 249 -22.82 -24.57 -48.18
CA VAL A 249 -22.36 -25.39 -49.29
C VAL A 249 -23.44 -25.53 -50.36
N PRO A 250 -23.01 -25.61 -51.63
CA PRO A 250 -23.91 -25.81 -52.79
C PRO A 250 -24.76 -27.08 -52.65
N LEU A 251 -26.06 -26.98 -52.93
CA LEU A 251 -26.92 -28.16 -52.94
C LEU A 251 -26.39 -29.17 -53.95
N GLY A 252 -26.36 -30.44 -53.56
CA GLY A 252 -25.83 -31.48 -54.44
C GLY A 252 -24.35 -31.72 -54.20
N LYS A 253 -23.73 -30.81 -53.46
CA LYS A 253 -22.28 -30.85 -53.24
C LYS A 253 -21.91 -31.20 -51.79
N GLU A 254 -22.88 -31.65 -51.00
CA GLU A 254 -22.66 -31.83 -49.57
C GLU A 254 -21.63 -32.91 -49.24
N GLN A 255 -21.39 -33.84 -50.16
CA GLN A 255 -20.57 -35.02 -49.84
C GLN A 255 -19.09 -34.74 -49.99
N ASN A 256 -18.74 -33.55 -50.49
CA ASN A 256 -17.34 -33.17 -50.66
C ASN A 256 -16.82 -32.44 -49.43
N TYR A 257 -17.66 -32.35 -48.41
CA TYR A 257 -17.31 -31.64 -47.19
C TYR A 257 -17.19 -32.62 -46.02
N THR A 258 -16.13 -32.46 -45.24
CA THR A 258 -15.94 -33.26 -44.06
C THR A 258 -15.68 -32.37 -42.85
N CYS A 259 -16.15 -32.80 -41.70
CA CYS A 259 -15.84 -32.11 -40.45
C CYS A 259 -14.79 -32.88 -39.67
N HIS A 260 -13.76 -32.18 -39.22
CA HIS A 260 -12.70 -32.79 -38.45
C HIS A 260 -12.67 -32.27 -37.01
N VAL A 261 -12.44 -33.18 -36.07
CA VAL A 261 -12.38 -32.81 -34.66
C VAL A 261 -11.13 -33.40 -34.00
N HIS A 262 -10.30 -32.54 -33.44
CA HIS A 262 -9.12 -32.98 -32.70
C HIS A 262 -9.33 -32.57 -31.24
N HIS A 263 -9.11 -33.51 -30.32
CA HIS A 263 -9.25 -33.20 -28.92
C HIS A 263 -8.41 -34.14 -28.08
N LYS A 264 -7.98 -33.66 -26.92
CA LYS A 264 -7.12 -34.39 -26.01
C LYS A 264 -7.77 -35.69 -25.51
N GLY A 265 -9.09 -35.75 -25.56
CA GLY A 265 -9.81 -36.94 -25.17
C GLY A 265 -10.16 -37.86 -26.32
N LEU A 266 -9.68 -37.53 -27.51
CA LEU A 266 -9.93 -38.39 -28.67
C LEU A 266 -8.68 -39.16 -29.08
N PRO A 267 -8.66 -40.48 -28.81
CA PRO A 267 -7.53 -41.34 -29.21
C PRO A 267 -7.34 -41.30 -30.73
N GLU A 268 -8.43 -41.12 -31.46
CA GLU A 268 -8.35 -40.73 -32.87
C GLU A 268 -9.20 -39.50 -33.14
N PRO A 269 -8.65 -38.58 -33.95
CA PRO A 269 -9.39 -37.41 -34.44
C PRO A 269 -10.63 -37.87 -35.18
N LEU A 270 -11.70 -37.07 -35.15
CA LEU A 270 -12.94 -37.45 -35.79
C LEU A 270 -13.02 -36.90 -37.19
N THR A 271 -13.66 -37.67 -38.05
CA THR A 271 -13.92 -37.24 -39.41
C THR A 271 -15.39 -37.54 -39.70
N LEU A 272 -16.15 -36.49 -39.94
CA LEU A 272 -17.59 -36.63 -40.11
C LEU A 272 -18.04 -36.17 -41.47
N ARG A 273 -18.78 -37.04 -42.15
CA ARG A 273 -19.43 -36.67 -43.38
C ARG A 273 -20.91 -36.72 -43.13
N TRP A 274 -21.66 -35.97 -43.92
CA TRP A 274 -23.10 -36.06 -43.78
C TRP A 274 -23.65 -37.02 -44.85
N ILE B 1 -11.73 2.28 -23.63
CA ILE B 1 -12.35 1.83 -24.87
C ILE B 1 -13.33 0.67 -24.59
N GLN B 2 -14.29 0.50 -25.50
CA GLN B 2 -15.40 -0.44 -25.32
C GLN B 2 -15.39 -1.61 -26.30
N ARG B 3 -15.86 -2.76 -25.85
CA ARG B 3 -16.10 -3.93 -26.72
C ARG B 3 -17.56 -4.37 -26.59
N THR B 4 -18.23 -4.54 -27.72
CA THR B 4 -19.60 -5.04 -27.72
C THR B 4 -19.67 -6.54 -27.40
N PRO B 5 -20.61 -6.94 -26.53
CA PRO B 5 -20.72 -8.36 -26.14
C PRO B 5 -21.13 -9.29 -27.28
N LYS B 6 -20.52 -10.48 -27.28
CA LYS B 6 -21.00 -11.58 -28.09
C LYS B 6 -22.06 -12.33 -27.29
N ILE B 7 -23.10 -12.79 -27.98
CA ILE B 7 -24.21 -13.45 -27.32
C ILE B 7 -24.51 -14.81 -27.93
N GLN B 8 -24.66 -15.80 -27.08
CA GLN B 8 -25.06 -17.13 -27.52
C GLN B 8 -26.15 -17.68 -26.60
N VAL B 9 -27.25 -18.13 -27.21
CA VAL B 9 -28.37 -18.69 -26.45
C VAL B 9 -28.53 -20.14 -26.87
N TYR B 10 -28.62 -21.03 -25.88
CA TYR B 10 -28.53 -22.46 -26.13
C TYR B 10 -28.89 -23.22 -24.87
N SER B 11 -29.12 -24.52 -25.04
CA SER B 11 -29.45 -25.39 -23.92
C SER B 11 -28.23 -26.20 -23.55
N ARG B 12 -28.14 -26.54 -22.27
CA ARG B 12 -27.06 -27.39 -21.78
C ARG B 12 -27.07 -28.71 -22.55
N HIS B 13 -28.09 -29.54 -22.30
CA HIS B 13 -28.29 -30.77 -23.03
C HIS B 13 -29.10 -30.47 -24.28
N PRO B 14 -28.98 -31.32 -25.32
CA PRO B 14 -29.72 -30.99 -26.55
C PRO B 14 -31.25 -31.03 -26.34
N ALA B 15 -31.96 -30.23 -27.13
CA ALA B 15 -33.35 -29.90 -26.82
C ALA B 15 -34.34 -30.97 -27.23
N GLU B 16 -35.07 -31.49 -26.25
CA GLU B 16 -36.25 -32.29 -26.55
C GLU B 16 -37.35 -32.08 -25.51
N ASN B 17 -38.54 -31.83 -26.06
CA ASN B 17 -39.74 -31.42 -25.35
C ASN B 17 -40.19 -32.28 -24.16
N GLY B 18 -40.42 -31.64 -23.02
CA GLY B 18 -40.86 -32.36 -21.84
C GLY B 18 -39.71 -32.64 -20.87
N LYS B 19 -38.49 -32.70 -21.39
CA LYS B 19 -37.32 -32.92 -20.55
C LYS B 19 -36.79 -31.64 -19.91
N SER B 20 -36.63 -31.66 -18.59
CA SER B 20 -36.03 -30.55 -17.88
C SER B 20 -34.59 -30.35 -18.36
N ASN B 21 -34.33 -29.18 -18.90
CA ASN B 21 -33.01 -28.82 -19.38
C ASN B 21 -32.50 -27.59 -18.61
N PHE B 22 -31.42 -26.99 -19.10
CA PHE B 22 -30.95 -25.70 -18.60
C PHE B 22 -30.81 -24.73 -19.77
N LEU B 23 -31.32 -23.52 -19.58
CA LEU B 23 -31.26 -22.52 -20.64
C LEU B 23 -30.10 -21.58 -20.35
N ASN B 24 -29.21 -21.43 -21.32
CA ASN B 24 -28.00 -20.67 -21.11
C ASN B 24 -27.98 -19.43 -21.98
N CYS B 25 -27.39 -18.37 -21.44
CA CYS B 25 -27.03 -17.21 -22.23
C CYS B 25 -25.59 -16.86 -21.89
N TYR B 26 -24.71 -17.03 -22.85
CA TYR B 26 -23.29 -16.81 -22.64
C TYR B 26 -22.85 -15.51 -23.31
N VAL B 27 -22.54 -14.52 -22.50
CA VAL B 27 -22.10 -13.22 -23.01
C VAL B 27 -20.62 -13.09 -22.76
N SER B 28 -19.89 -12.69 -23.79
CA SER B 28 -18.44 -12.76 -23.74
C SER B 28 -17.82 -11.65 -24.56
N GLY B 29 -16.52 -11.46 -24.36
CA GLY B 29 -15.77 -10.47 -25.13
C GLY B 29 -16.22 -9.03 -24.93
N PHE B 30 -16.84 -8.71 -23.81
CA PHE B 30 -17.35 -7.37 -23.63
C PHE B 30 -16.53 -6.55 -22.64
N HIS B 31 -16.56 -5.23 -22.84
CA HIS B 31 -15.93 -4.28 -21.94
C HIS B 31 -16.60 -2.92 -22.10
N PRO B 32 -16.92 -2.26 -20.97
CA PRO B 32 -16.68 -2.65 -19.58
C PRO B 32 -17.60 -3.76 -19.08
N SER B 33 -17.57 -4.04 -17.78
CA SER B 33 -18.20 -5.23 -17.24
C SER B 33 -19.66 -5.04 -16.84
N ASP B 34 -20.14 -3.80 -16.82
CA ASP B 34 -21.55 -3.56 -16.48
C ASP B 34 -22.41 -4.05 -17.61
N ILE B 35 -23.29 -4.99 -17.31
CA ILE B 35 -24.11 -5.62 -18.32
C ILE B 35 -25.45 -6.08 -17.76
N GLU B 36 -26.52 -5.88 -18.55
CA GLU B 36 -27.85 -6.35 -18.19
C GLU B 36 -28.18 -7.59 -19.00
N VAL B 37 -28.54 -8.67 -18.31
CA VAL B 37 -28.91 -9.91 -19.00
C VAL B 37 -30.16 -10.54 -18.40
N ASP B 38 -31.17 -10.73 -19.23
CA ASP B 38 -32.41 -11.36 -18.79
C ASP B 38 -32.74 -12.54 -19.69
N LEU B 39 -33.33 -13.56 -19.10
CA LEU B 39 -33.87 -14.66 -19.88
C LEU B 39 -35.37 -14.44 -20.08
N LEU B 40 -35.85 -14.66 -21.30
CA LEU B 40 -37.24 -14.37 -21.62
C LEU B 40 -38.04 -15.59 -22.06
N LYS B 41 -39.15 -15.84 -21.37
CA LYS B 41 -40.16 -16.81 -21.81
C LYS B 41 -41.35 -16.08 -22.42
N ASN B 42 -41.52 -16.20 -23.74
CA ASN B 42 -42.63 -15.56 -24.46
C ASN B 42 -42.63 -14.05 -24.27
N GLY B 43 -41.45 -13.45 -24.28
CA GLY B 43 -41.31 -12.01 -24.13
C GLY B 43 -41.30 -11.52 -22.70
N GLU B 44 -41.49 -12.43 -21.75
CA GLU B 44 -41.50 -12.03 -20.35
C GLU B 44 -40.27 -12.48 -19.59
N ARG B 45 -39.92 -11.71 -18.57
CA ARG B 45 -38.65 -11.85 -17.88
C ARG B 45 -38.73 -13.00 -16.86
N ILE B 46 -37.78 -13.94 -16.93
CA ILE B 46 -37.74 -15.09 -16.03
C ILE B 46 -37.12 -14.65 -14.70
N GLU B 47 -37.60 -15.20 -13.59
CA GLU B 47 -37.33 -14.59 -12.29
C GLU B 47 -36.05 -14.99 -11.56
N LYS B 48 -35.89 -16.25 -11.20
CA LYS B 48 -34.63 -16.60 -10.52
C LYS B 48 -33.69 -17.25 -11.52
N VAL B 49 -32.97 -16.37 -12.21
CA VAL B 49 -31.95 -16.70 -13.18
C VAL B 49 -30.65 -16.41 -12.48
N GLU B 50 -29.70 -17.33 -12.58
CA GLU B 50 -28.43 -17.14 -11.91
C GLU B 50 -27.32 -16.88 -12.92
N HIS B 51 -26.20 -16.34 -12.46
CA HIS B 51 -25.06 -16.16 -13.36
C HIS B 51 -23.75 -16.58 -12.71
N SER B 52 -22.75 -16.82 -13.53
CA SER B 52 -21.43 -17.18 -13.05
C SER B 52 -20.74 -15.96 -12.45
N ASP B 53 -19.62 -16.20 -11.77
CA ASP B 53 -18.83 -15.09 -11.25
C ASP B 53 -18.10 -14.38 -12.40
N LEU B 54 -18.04 -13.07 -12.32
CA LEU B 54 -17.31 -12.28 -13.31
C LEU B 54 -15.89 -12.80 -13.51
N SER B 55 -15.56 -13.15 -14.74
CA SER B 55 -14.20 -13.49 -15.10
C SER B 55 -13.89 -12.88 -16.46
N PHE B 56 -12.65 -13.01 -16.92
CA PHE B 56 -12.27 -12.39 -18.17
C PHE B 56 -11.22 -13.21 -18.90
N SER B 57 -11.04 -12.93 -20.19
CA SER B 57 -10.17 -13.73 -21.03
C SER B 57 -8.76 -13.16 -21.11
N LYS B 58 -7.96 -13.71 -22.01
CA LYS B 58 -6.58 -13.25 -22.19
C LYS B 58 -6.50 -11.79 -22.63
N ASP B 59 -7.49 -11.32 -23.37
CA ASP B 59 -7.48 -9.95 -23.88
C ASP B 59 -8.20 -8.99 -22.94
N TRP B 60 -8.42 -9.45 -21.71
CA TRP B 60 -9.06 -8.69 -20.64
C TRP B 60 -10.58 -8.49 -20.84
N SER B 61 -11.16 -9.04 -21.90
CA SER B 61 -12.61 -8.90 -22.09
C SER B 61 -13.35 -9.89 -21.19
N PHE B 62 -14.49 -9.45 -20.67
CA PHE B 62 -15.25 -10.21 -19.67
C PHE B 62 -16.15 -11.30 -20.28
N TYR B 63 -16.51 -12.28 -19.46
CA TYR B 63 -17.50 -13.26 -19.86
C TYR B 63 -18.34 -13.71 -18.67
N LEU B 64 -19.62 -13.96 -18.94
CA LEU B 64 -20.55 -14.43 -17.92
C LEU B 64 -21.51 -15.46 -18.52
N LEU B 65 -21.92 -16.42 -17.68
CA LEU B 65 -22.94 -17.37 -18.08
C LEU B 65 -24.20 -17.20 -17.25
N TYR B 66 -25.30 -16.86 -17.91
CA TYR B 66 -26.61 -16.74 -17.27
C TYR B 66 -27.45 -17.99 -17.56
N TYR B 67 -28.00 -18.60 -16.51
CA TYR B 67 -28.68 -19.88 -16.66
C TYR B 67 -29.88 -20.05 -15.72
N THR B 68 -30.84 -20.86 -16.15
CA THR B 68 -32.00 -21.19 -15.32
C THR B 68 -32.54 -22.56 -15.75
N GLU B 69 -32.99 -23.37 -14.79
CA GLU B 69 -33.66 -24.62 -15.16
C GLU B 69 -35.02 -24.37 -15.78
N PHE B 70 -35.34 -25.18 -16.78
CA PHE B 70 -36.61 -25.05 -17.47
C PHE B 70 -36.95 -26.35 -18.18
N THR B 71 -38.20 -26.46 -18.62
CA THR B 71 -38.66 -27.58 -19.41
C THR B 71 -39.23 -27.08 -20.74
N PRO B 72 -38.44 -27.20 -21.82
CA PRO B 72 -38.91 -26.68 -23.11
C PRO B 72 -40.12 -27.46 -23.64
N THR B 73 -41.12 -26.72 -24.14
CA THR B 73 -42.29 -27.34 -24.77
C THR B 73 -42.37 -27.02 -26.26
N GLU B 74 -43.38 -27.60 -26.93
CA GLU B 74 -43.57 -27.48 -28.37
C GLU B 74 -43.76 -26.01 -28.77
N LYS B 75 -44.51 -25.34 -27.92
CA LYS B 75 -45.04 -23.99 -28.11
C LYS B 75 -44.07 -22.88 -27.69
N ASP B 76 -43.70 -22.91 -26.41
CA ASP B 76 -43.00 -21.85 -25.71
C ASP B 76 -41.73 -21.37 -26.40
N GLU B 77 -41.70 -20.09 -26.76
CA GLU B 77 -40.46 -19.45 -27.24
C GLU B 77 -39.61 -18.86 -26.10
N TYR B 78 -38.30 -18.94 -26.27
CA TYR B 78 -37.36 -18.42 -25.29
C TYR B 78 -36.32 -17.51 -25.96
N ALA B 79 -35.76 -16.58 -25.19
CA ALA B 79 -34.74 -15.68 -25.71
C ALA B 79 -33.88 -15.08 -24.61
N CYS B 80 -32.84 -14.37 -25.00
CA CYS B 80 -31.97 -13.67 -24.07
C CYS B 80 -31.97 -12.19 -24.42
N ARG B 81 -32.17 -11.34 -23.41
CA ARG B 81 -32.15 -9.90 -23.64
C ARG B 81 -30.91 -9.31 -23.00
N VAL B 82 -30.10 -8.62 -23.80
CA VAL B 82 -28.85 -8.05 -23.30
C VAL B 82 -28.76 -6.56 -23.59
N ASN B 83 -28.58 -5.76 -22.54
CA ASN B 83 -28.29 -4.37 -22.74
C ASN B 83 -26.91 -4.03 -22.18
N HIS B 84 -26.21 -3.14 -22.88
CA HIS B 84 -24.83 -2.81 -22.57
C HIS B 84 -24.54 -1.45 -23.17
N VAL B 85 -23.53 -0.77 -22.62
CA VAL B 85 -23.21 0.59 -23.05
C VAL B 85 -22.90 0.65 -24.55
N THR B 86 -22.38 -0.44 -25.11
CA THR B 86 -22.06 -0.48 -26.54
C THR B 86 -23.28 -0.62 -27.43
N LEU B 87 -24.40 -1.04 -26.86
CA LEU B 87 -25.63 -1.28 -27.63
C LEU B 87 -26.59 -0.12 -27.47
N SER B 88 -26.96 0.49 -28.60
CA SER B 88 -27.84 1.65 -28.61
C SER B 88 -29.28 1.29 -28.22
N GLN B 89 -29.57 -0.01 -28.18
CA GLN B 89 -30.82 -0.52 -27.63
C GLN B 89 -30.64 -1.98 -27.24
N PRO B 90 -31.46 -2.49 -26.29
CA PRO B 90 -31.35 -3.89 -25.88
C PRO B 90 -31.37 -4.85 -27.06
N LYS B 91 -30.40 -5.75 -27.13
CA LYS B 91 -30.37 -6.78 -28.17
C LYS B 91 -31.07 -8.05 -27.71
N ILE B 92 -31.95 -8.56 -28.55
CA ILE B 92 -32.69 -9.78 -28.25
C ILE B 92 -32.30 -10.89 -29.21
N VAL B 93 -31.81 -12.00 -28.65
CA VAL B 93 -31.41 -13.15 -29.43
C VAL B 93 -32.31 -14.32 -29.08
N LYS B 94 -33.03 -14.86 -30.06
CA LYS B 94 -34.01 -15.90 -29.75
C LYS B 94 -33.31 -17.24 -29.64
N TRP B 95 -33.86 -18.10 -28.79
CA TRP B 95 -33.30 -19.43 -28.63
C TRP B 95 -33.67 -20.28 -29.84
N ASP B 96 -32.65 -20.81 -30.50
CA ASP B 96 -32.84 -21.73 -31.61
C ASP B 96 -32.24 -23.09 -31.23
N ARG B 97 -33.07 -24.13 -31.33
CA ARG B 97 -32.66 -25.50 -31.02
C ARG B 97 -31.44 -25.95 -31.81
N ASP B 98 -31.26 -25.39 -33.00
CA ASP B 98 -30.22 -25.83 -33.92
C ASP B 98 -28.99 -24.92 -33.95
N MET B 99 -28.92 -23.98 -33.02
CA MET B 99 -27.91 -22.94 -33.08
C MET B 99 -27.53 -22.46 -31.68
N PHE C 1 -3.97 -20.76 -4.23
CA PHE C 1 -3.53 -19.89 -3.15
C PHE C 1 -3.31 -18.47 -3.66
N TYR C 2 -4.07 -17.52 -3.10
CA TYR C 2 -3.99 -16.13 -3.54
C TYR C 2 -2.59 -15.55 -3.32
N ALA C 3 -2.22 -14.61 -4.19
CA ALA C 3 -0.95 -13.90 -4.10
C ALA C 3 -0.80 -13.21 -2.75
N PRO C 4 0.44 -13.09 -2.25
CA PRO C 4 0.61 -12.42 -0.95
C PRO C 4 0.38 -10.92 -1.05
N GLU C 5 -0.06 -10.33 0.05
CA GLU C 5 -0.30 -8.89 0.18
C GLU C 5 0.66 -8.01 -0.62
N PRO C 6 0.12 -7.06 -1.39
CA PRO C 6 0.94 -6.12 -2.17
C PRO C 6 1.89 -5.30 -1.28
N ILE C 7 3.07 -4.98 -1.79
CA ILE C 7 4.03 -4.22 -0.99
C ILE C 7 4.29 -2.81 -1.55
N THR C 8 4.25 -2.68 -2.87
CA THR C 8 4.38 -1.35 -3.47
C THR C 8 3.06 -0.90 -4.07
N SER C 9 2.89 0.41 -4.20
CA SER C 9 1.65 0.97 -4.70
C SER C 9 1.80 1.30 -6.18
N LEU C 10 0.68 1.57 -6.84
CA LEU C 10 0.71 1.96 -8.23
C LEU C 10 1.32 3.34 -8.36
N GLY D 1 36.15 22.13 21.57
CA GLY D 1 34.96 21.79 22.33
C GLY D 1 34.25 20.58 21.77
N PRO D 2 33.37 19.95 22.58
CA PRO D 2 32.62 18.74 22.17
C PRO D 2 31.50 19.07 21.18
N HIS D 3 31.33 18.20 20.18
CA HIS D 3 30.33 18.38 19.14
C HIS D 3 29.80 17.02 18.70
N SER D 4 28.61 17.01 18.10
CA SER D 4 28.01 15.75 17.68
C SER D 4 27.30 15.85 16.32
N LEU D 5 27.35 14.76 15.56
CA LEU D 5 26.61 14.64 14.32
C LEU D 5 25.63 13.48 14.45
N ARG D 6 24.34 13.77 14.33
CA ARG D 6 23.31 12.75 14.53
C ARG D 6 22.27 12.74 13.43
N TYR D 7 21.87 11.54 13.02
CA TYR D 7 20.75 11.39 12.11
C TYR D 7 19.62 10.66 12.81
N PHE D 8 18.39 11.13 12.60
CA PHE D 8 17.21 10.50 13.20
C PHE D 8 16.28 10.05 12.10
N VAL D 9 16.08 8.74 12.01
CA VAL D 9 15.42 8.14 10.86
C VAL D 9 14.16 7.45 11.33
N THR D 10 13.04 7.69 10.63
CA THR D 10 11.75 7.14 11.03
C THR D 10 10.97 6.55 9.84
N ALA D 11 10.44 5.35 10.03
CA ALA D 11 9.62 4.71 9.01
C ALA D 11 8.33 4.16 9.62
N VAL D 12 7.20 4.62 9.09
CA VAL D 12 5.91 4.19 9.60
C VAL D 12 5.11 3.46 8.53
N SER D 13 4.85 2.17 8.76
CA SER D 13 4.04 1.39 7.82
C SER D 13 2.60 1.87 7.87
N ARG D 14 1.98 2.02 6.71
CA ARG D 14 0.60 2.43 6.65
C ARG D 14 -0.18 1.50 5.72
N PRO D 15 -0.71 0.42 6.29
CA PRO D 15 -1.35 -0.68 5.54
C PRO D 15 -2.59 -0.22 4.79
N GLY D 16 -2.76 -0.74 3.58
CA GLY D 16 -3.91 -0.42 2.76
C GLY D 16 -3.81 0.92 2.06
N LEU D 17 -2.79 1.70 2.42
CA LEU D 17 -2.64 3.05 1.88
C LEU D 17 -1.41 3.19 1.00
N GLY D 18 -0.52 2.21 1.04
CA GLY D 18 0.69 2.23 0.25
C GLY D 18 1.96 2.01 1.07
N GLU D 19 3.09 2.46 0.54
CA GLU D 19 4.39 2.27 1.18
C GLU D 19 4.50 3.03 2.50
N PRO D 20 5.45 2.63 3.36
CA PRO D 20 5.65 3.34 4.63
C PRO D 20 6.14 4.78 4.41
N ARG D 21 5.82 5.67 5.33
CA ARG D 21 6.37 7.01 5.30
C ARG D 21 7.79 6.96 5.85
N PHE D 22 8.72 7.62 5.19
CA PHE D 22 10.12 7.52 5.57
C PHE D 22 10.75 8.88 5.64
N ILE D 23 11.28 9.23 6.80
CA ILE D 23 11.87 10.55 6.96
C ILE D 23 13.16 10.48 7.78
N ALA D 24 14.18 11.19 7.30
CA ALA D 24 15.44 11.27 8.01
C ALA D 24 15.79 12.74 8.23
N VAL D 25 16.21 13.08 9.45
CA VAL D 25 16.68 14.43 9.73
C VAL D 25 18.11 14.39 10.26
N GLY D 26 18.86 15.44 9.95
CA GLY D 26 20.25 15.51 10.36
C GLY D 26 20.49 16.70 11.26
N TYR D 27 21.26 16.46 12.33
CA TYR D 27 21.59 17.49 13.29
C TYR D 27 23.10 17.62 13.53
N VAL D 28 23.57 18.85 13.67
CA VAL D 28 24.86 19.08 14.30
C VAL D 28 24.57 19.80 15.60
N ASP D 29 24.89 19.15 16.72
CA ASP D 29 24.54 19.62 18.05
C ASP D 29 23.03 19.83 18.11
N ASP D 30 22.58 21.05 18.40
CA ASP D 30 21.14 21.31 18.51
C ASP D 30 20.59 21.98 17.24
N THR D 31 21.36 21.94 16.17
CA THR D 31 20.95 22.60 14.93
C THR D 31 20.65 21.59 13.83
N GLN D 32 19.43 21.63 13.30
CA GLN D 32 19.07 20.75 12.18
C GLN D 32 19.70 21.31 10.90
N PHE D 33 20.23 20.44 10.03
CA PHE D 33 20.83 20.95 8.79
C PHE D 33 20.43 20.20 7.50
N VAL D 34 19.90 18.98 7.58
CA VAL D 34 19.42 18.28 6.38
C VAL D 34 18.14 17.51 6.65
N ARG D 35 17.50 17.05 5.58
CA ARG D 35 16.28 16.24 5.69
C ARG D 35 15.98 15.40 4.45
N PHE D 36 15.15 14.38 4.65
CA PHE D 36 14.61 13.58 3.56
C PHE D 36 13.18 13.21 3.90
N ASP D 37 12.24 13.58 3.03
CA ASP D 37 10.86 13.22 3.27
C ASP D 37 10.35 12.47 2.04
N SER D 38 9.93 11.22 2.24
CA SER D 38 9.43 10.38 1.15
C SER D 38 8.07 10.86 0.60
N ASP D 39 7.33 11.66 1.37
CA ASP D 39 6.03 12.17 0.95
C ASP D 39 6.18 13.44 0.09
N ALA D 40 7.39 13.99 0.05
CA ALA D 40 7.61 15.28 -0.60
C ALA D 40 7.50 15.14 -2.11
N ASP D 41 7.12 16.22 -2.79
CA ASP D 41 6.92 16.29 -4.25
C ASP D 41 7.83 15.31 -5.01
N ASN D 42 9.13 15.60 -5.10
CA ASN D 42 10.08 14.58 -5.57
C ASN D 42 11.20 14.47 -4.53
N PRO D 43 11.33 13.26 -3.96
CA PRO D 43 12.10 12.90 -2.76
C PRO D 43 13.61 12.98 -2.95
N ARG D 44 14.22 13.89 -2.20
CA ARG D 44 15.66 14.15 -2.26
C ARG D 44 16.16 14.77 -0.96
N PHE D 45 17.43 14.53 -0.62
CA PHE D 45 18.01 15.24 0.52
C PHE D 45 18.07 16.70 0.16
N GLU D 46 17.73 17.56 1.12
CA GLU D 46 17.78 18.98 0.87
C GLU D 46 18.30 19.69 2.11
N PRO D 47 18.84 20.90 1.92
CA PRO D 47 19.38 21.59 3.08
C PRO D 47 18.28 22.20 3.95
N ARG D 48 18.49 22.14 5.26
CA ARG D 48 17.59 22.78 6.21
C ARG D 48 18.39 23.77 7.05
N ALA D 49 19.55 24.16 6.54
CA ALA D 49 20.35 25.22 7.13
C ALA D 49 21.07 26.00 6.02
N PRO D 50 21.08 27.34 6.15
CA PRO D 50 21.69 28.24 5.15
C PRO D 50 23.14 27.87 4.78
N TRP D 51 23.95 27.48 5.76
CA TRP D 51 25.36 27.18 5.52
C TRP D 51 25.58 25.87 4.74
N MET D 52 24.49 25.20 4.41
CA MET D 52 24.56 23.97 3.62
C MET D 52 24.20 24.15 2.14
N GLU D 53 23.78 25.37 1.78
CA GLU D 53 23.24 25.62 0.44
C GLU D 53 24.28 25.75 -0.65
N GLN D 54 25.55 25.88 -0.27
CA GLN D 54 26.63 26.03 -1.25
C GLN D 54 27.21 24.70 -1.71
N GLU D 55 26.81 23.60 -1.07
CA GLU D 55 27.34 22.30 -1.43
C GLU D 55 26.97 21.91 -2.86
N GLY D 56 27.83 21.13 -3.50
CA GLY D 56 27.64 20.77 -4.89
C GLY D 56 26.57 19.71 -5.08
N PRO D 57 26.17 19.46 -6.34
CA PRO D 57 25.13 18.46 -6.62
C PRO D 57 25.61 17.05 -6.30
N GLU D 58 26.92 16.83 -6.33
CA GLU D 58 27.50 15.51 -6.06
C GLU D 58 27.15 15.09 -4.64
N TYR D 59 27.22 16.07 -3.74
CA TYR D 59 26.88 15.87 -2.33
C TYR D 59 25.43 15.42 -2.20
N TRP D 60 24.52 16.21 -2.75
CA TRP D 60 23.09 15.96 -2.61
C TRP D 60 22.65 14.67 -3.30
N GLU D 61 23.26 14.35 -4.43
CA GLU D 61 22.88 13.14 -5.16
C GLU D 61 23.26 11.88 -4.38
N GLU D 62 24.43 11.89 -3.77
CA GLU D 62 24.91 10.74 -3.01
C GLU D 62 24.10 10.57 -1.73
N GLN D 63 23.86 11.69 -1.06
CA GLN D 63 23.01 11.71 0.11
C GLN D 63 21.61 11.17 -0.23
N THR D 64 21.05 11.63 -1.33
CA THR D 64 19.73 11.18 -1.78
C THR D 64 19.72 9.67 -2.04
N GLN D 65 20.77 9.16 -2.66
CA GLN D 65 20.84 7.73 -3.00
C GLN D 65 21.04 6.85 -1.75
N ARG D 66 21.79 7.35 -0.78
CA ARG D 66 21.99 6.60 0.46
C ARG D 66 20.70 6.58 1.29
N ALA D 67 19.90 7.64 1.19
CA ALA D 67 18.63 7.71 1.91
C ALA D 67 17.58 6.79 1.29
N LYS D 68 17.48 6.83 -0.03
CA LYS D 68 16.52 6.00 -0.77
C LYS D 68 16.80 4.52 -0.54
N SER D 69 18.09 4.18 -0.42
CA SER D 69 18.47 2.80 -0.21
C SER D 69 18.09 2.33 1.18
N ASP D 70 18.32 3.19 2.17
CA ASP D 70 17.92 2.94 3.54
C ASP D 70 16.39 2.83 3.63
N GLU D 71 15.68 3.68 2.91
CA GLU D 71 14.21 3.63 2.86
C GLU D 71 13.72 2.25 2.44
N GLN D 72 14.22 1.76 1.31
CA GLN D 72 13.96 0.39 0.85
C GLN D 72 14.25 -0.67 1.91
N TRP D 73 15.39 -0.55 2.58
CA TRP D 73 15.75 -1.47 3.65
C TRP D 73 14.68 -1.44 4.76
N PHE D 74 14.17 -0.26 5.07
CA PHE D 74 13.16 -0.14 6.11
C PHE D 74 11.81 -0.80 5.76
N ARG D 75 11.43 -0.79 4.49
CA ARG D 75 10.20 -1.46 4.08
C ARG D 75 10.31 -2.95 4.39
N VAL D 76 11.44 -3.54 4.01
CA VAL D 76 11.70 -4.94 4.32
C VAL D 76 11.74 -5.19 5.84
N SER D 77 12.38 -4.28 6.57
CA SER D 77 12.54 -4.48 8.01
C SER D 77 11.21 -4.46 8.74
N LEU D 78 10.31 -3.56 8.33
CA LEU D 78 8.97 -3.53 8.89
C LEU D 78 8.24 -4.86 8.65
N ARG D 79 8.34 -5.40 7.44
CA ARG D 79 7.72 -6.69 7.15
C ARG D 79 8.35 -7.82 7.96
N THR D 80 9.67 -7.89 7.95
CA THR D 80 10.41 -8.89 8.70
C THR D 80 10.16 -8.81 10.22
N ALA D 81 10.18 -7.60 10.78
CA ALA D 81 9.93 -7.42 12.21
C ALA D 81 8.55 -7.97 12.58
N GLN D 82 7.54 -7.61 11.80
CA GLN D 82 6.19 -8.10 12.02
C GLN D 82 6.10 -9.64 11.92
N ARG D 83 6.89 -10.25 11.04
CA ARG D 83 6.93 -11.71 10.98
C ARG D 83 7.64 -12.27 12.22
N TYR D 84 8.80 -11.70 12.55
CA TYR D 84 9.57 -12.12 13.72
C TYR D 84 8.73 -12.16 14.98
N TYR D 85 7.88 -11.15 15.17
CA TYR D 85 7.11 -11.04 16.39
C TYR D 85 5.78 -11.80 16.38
N ASN D 86 5.28 -12.13 15.20
CA ASN D 86 3.98 -12.79 15.00
C ASN D 86 2.81 -11.83 15.20
N GLN D 87 2.96 -10.58 14.74
CA GLN D 87 1.90 -9.59 14.91
C GLN D 87 0.86 -9.70 13.80
N SER D 88 -0.29 -9.06 14.02
CA SER D 88 -1.36 -9.05 13.03
C SER D 88 -0.93 -8.20 11.83
N LYS D 89 -1.28 -8.63 10.62
CA LYS D 89 -0.84 -7.95 9.39
C LYS D 89 -1.56 -6.63 9.08
N GLY D 90 -2.59 -6.30 9.87
CA GLY D 90 -3.36 -5.10 9.59
C GLY D 90 -2.95 -3.78 10.26
N GLY D 91 -2.17 -3.86 11.33
CA GLY D 91 -1.76 -2.66 12.04
C GLY D 91 -0.59 -1.87 11.48
N SER D 92 -0.46 -0.64 11.96
CA SER D 92 0.64 0.25 11.61
C SER D 92 1.75 0.09 12.63
N HIS D 93 2.98 0.08 12.17
CA HIS D 93 4.11 -0.11 13.06
C HIS D 93 5.23 0.86 12.69
N THR D 94 6.16 1.05 13.62
CA THR D 94 7.20 2.04 13.44
C THR D 94 8.58 1.42 13.61
N PHE D 95 9.51 1.82 12.77
CA PHE D 95 10.88 1.48 13.02
C PHE D 95 11.67 2.78 13.02
N GLN D 96 12.59 2.92 13.97
CA GLN D 96 13.45 4.11 14.03
C GLN D 96 14.93 3.73 14.09
N ARG D 97 15.75 4.57 13.46
CA ARG D 97 17.18 4.42 13.50
C ARG D 97 17.82 5.73 13.93
N MET D 98 18.82 5.64 14.80
CA MET D 98 19.62 6.80 15.11
C MET D 98 21.08 6.41 14.91
N PHE D 99 21.82 7.23 14.18
CA PHE D 99 23.25 6.95 14.00
C PHE D 99 24.02 8.25 13.92
N GLY D 100 25.32 8.17 14.18
CA GLY D 100 26.18 9.33 14.10
C GLY D 100 27.33 9.23 15.07
N CYS D 101 27.99 10.35 15.32
CA CYS D 101 29.21 10.37 16.12
C CYS D 101 29.30 11.54 17.11
N ASP D 102 29.79 11.26 18.31
CA ASP D 102 30.15 12.29 19.27
C ASP D 102 31.65 12.42 19.35
N VAL D 103 32.17 13.64 19.23
CA VAL D 103 33.59 13.89 19.39
C VAL D 103 33.87 14.79 20.58
N GLY D 104 35.01 14.57 21.22
CA GLY D 104 35.46 15.38 22.34
C GLY D 104 36.31 16.53 21.85
N SER D 105 36.87 17.29 22.78
CA SER D 105 37.67 18.46 22.42
C SER D 105 39.06 18.08 21.90
N ASP D 106 39.41 16.80 21.97
CA ASP D 106 40.64 16.30 21.37
C ASP D 106 40.37 15.57 20.06
N TRP D 107 39.25 15.93 19.43
CA TRP D 107 38.83 15.40 18.14
C TRP D 107 38.87 13.88 18.06
N ARG D 108 38.20 13.27 19.01
CA ARG D 108 38.31 11.85 19.29
C ARG D 108 36.92 11.27 19.47
N LEU D 109 36.68 10.10 18.87
CA LEU D 109 35.33 9.54 18.84
C LEU D 109 34.90 9.05 20.22
N LEU D 110 34.19 9.90 20.94
CA LEU D 110 33.71 9.56 22.28
C LEU D 110 32.62 8.49 22.20
N ARG D 111 31.86 8.51 21.12
CA ARG D 111 30.77 7.56 20.94
C ARG D 111 30.28 7.52 19.49
N GLY D 112 30.19 6.30 18.94
CA GLY D 112 29.64 6.12 17.61
C GLY D 112 28.34 5.35 17.74
N TYR D 113 27.31 5.78 17.01
CA TYR D 113 25.99 5.15 17.16
C TYR D 113 25.48 4.45 15.90
N HIS D 114 24.90 3.28 16.10
CA HIS D 114 24.09 2.64 15.09
C HIS D 114 23.05 1.80 15.82
N GLN D 115 21.87 2.37 16.03
CA GLN D 115 20.89 1.72 16.87
C GLN D 115 19.46 1.88 16.38
N PHE D 116 18.63 0.92 16.76
CA PHE D 116 17.30 0.80 16.22
C PHE D 116 16.24 0.60 17.30
N ALA D 117 15.04 1.08 17.02
CA ALA D 117 13.88 0.82 17.86
C ALA D 117 12.69 0.36 17.03
N TYR D 118 11.96 -0.63 17.53
CA TYR D 118 10.75 -1.09 16.85
C TYR D 118 9.56 -0.76 17.75
N ASP D 119 8.58 -0.06 17.17
CA ASP D 119 7.37 0.36 17.88
C ASP D 119 7.69 1.11 19.19
N GLY D 120 8.72 1.94 19.17
CA GLY D 120 9.10 2.79 20.30
C GLY D 120 9.94 2.13 21.37
N ARG D 121 10.31 0.88 21.15
CA ARG D 121 11.14 0.12 22.11
C ARG D 121 12.47 -0.23 21.47
N ASP D 122 13.53 -0.22 22.27
CA ASP D 122 14.86 -0.63 21.81
C ASP D 122 14.77 -1.96 21.10
N TYR D 123 15.46 -2.10 19.97
CA TYR D 123 15.49 -3.36 19.26
C TYR D 123 16.92 -3.91 19.23
N ILE D 124 17.82 -3.20 18.57
CA ILE D 124 19.21 -3.61 18.53
C ILE D 124 20.10 -2.38 18.45
N ALA D 125 21.25 -2.44 19.12
CA ALA D 125 22.15 -1.29 19.18
C ALA D 125 23.60 -1.72 19.10
N LEU D 126 24.40 -0.97 18.35
CA LEU D 126 25.84 -1.17 18.32
C LEU D 126 26.46 -0.62 19.61
N ASN D 127 27.14 -1.50 20.35
CA ASN D 127 27.80 -1.15 21.59
C ASN D 127 28.96 -0.16 21.40
N GLU D 128 29.41 0.42 22.51
CA GLU D 128 30.42 1.48 22.48
C GLU D 128 31.77 1.07 21.90
N ASP D 129 32.09 -0.22 21.95
CA ASP D 129 33.35 -0.71 21.40
C ASP D 129 33.34 -0.79 19.87
N LEU D 130 32.18 -0.52 19.28
CA LEU D 130 31.95 -0.56 17.83
C LEU D 130 32.23 -1.93 17.21
N LYS D 131 32.10 -2.98 18.02
CA LYS D 131 32.38 -4.33 17.58
C LYS D 131 31.26 -5.34 17.93
N THR D 132 30.56 -5.10 19.04
CA THR D 132 29.53 -6.02 19.49
C THR D 132 28.14 -5.38 19.52
N TRP D 133 27.11 -6.21 19.65
CA TRP D 133 25.73 -5.78 19.53
C TRP D 133 24.90 -6.10 20.77
N THR D 134 23.99 -5.20 21.12
CA THR D 134 23.04 -5.50 22.19
C THR D 134 21.63 -5.70 21.63
N ALA D 135 21.15 -6.94 21.73
CA ALA D 135 19.79 -7.29 21.29
C ALA D 135 18.80 -7.19 22.47
N ALA D 136 17.66 -6.54 22.22
CA ALA D 136 16.68 -6.27 23.27
C ALA D 136 15.79 -7.46 23.62
N ASP D 137 15.68 -8.44 22.73
CA ASP D 137 14.78 -9.58 22.92
C ASP D 137 15.04 -10.69 21.91
N THR D 138 14.32 -11.81 22.05
CA THR D 138 14.61 -13.02 21.30
C THR D 138 14.43 -12.83 19.80
N ALA D 139 13.58 -11.87 19.42
CA ALA D 139 13.42 -11.53 18.01
C ALA D 139 14.68 -10.84 17.49
N ALA D 140 15.18 -9.87 18.26
CA ALA D 140 16.37 -9.12 17.89
C ALA D 140 17.62 -10.00 17.92
N LEU D 141 17.58 -11.09 18.69
CA LEU D 141 18.68 -12.04 18.74
C LEU D 141 18.91 -12.64 17.36
N ILE D 142 17.83 -12.80 16.62
CA ILE D 142 17.91 -13.33 15.27
C ILE D 142 18.64 -12.35 14.36
N THR D 143 18.37 -11.07 14.53
CA THR D 143 19.04 -10.05 13.74
C THR D 143 20.51 -9.92 14.11
N ARG D 144 20.80 -9.87 15.41
CA ARG D 144 22.18 -9.82 15.89
C ARG D 144 23.02 -10.94 15.30
N ARG D 145 22.42 -12.13 15.25
CA ARG D 145 23.06 -13.32 14.73
C ARG D 145 23.46 -13.15 13.27
N LYS D 146 22.59 -12.50 12.49
CA LYS D 146 22.90 -12.27 11.08
C LYS D 146 23.99 -11.21 10.91
N TRP D 147 23.93 -10.17 11.71
CA TRP D 147 24.85 -9.04 11.56
C TRP D 147 26.24 -9.36 12.07
N GLU D 148 26.33 -10.25 13.04
CA GLU D 148 27.63 -10.73 13.51
C GLU D 148 28.38 -11.49 12.42
N GLN D 149 27.71 -12.46 11.81
CA GLN D 149 28.34 -13.29 10.79
C GLN D 149 28.59 -12.51 9.50
N ALA D 150 27.74 -11.53 9.22
CA ALA D 150 27.87 -10.76 7.99
C ALA D 150 28.92 -9.68 8.16
N GLY D 151 29.32 -9.42 9.40
CA GLY D 151 30.36 -8.43 9.68
C GLY D 151 29.92 -6.98 9.66
N ASP D 152 28.71 -6.68 10.14
CA ASP D 152 28.18 -5.32 10.03
C ASP D 152 28.82 -4.32 10.98
N ALA D 153 29.23 -4.79 12.16
CA ALA D 153 29.98 -3.96 13.09
C ALA D 153 31.12 -3.24 12.38
N GLU D 154 31.92 -4.03 11.66
CA GLU D 154 33.11 -3.54 10.99
C GLU D 154 32.79 -2.47 9.95
N TYR D 155 31.73 -2.69 9.18
CA TYR D 155 31.28 -1.80 8.12
C TYR D 155 30.85 -0.42 8.61
N TYR D 156 30.11 -0.38 9.72
CA TYR D 156 29.68 0.89 10.30
C TYR D 156 30.75 1.53 11.19
N ARG D 157 31.63 0.74 11.77
CA ARG D 157 32.79 1.31 12.48
C ARG D 157 33.60 2.15 11.51
N ALA D 158 33.81 1.61 10.31
CA ALA D 158 34.50 2.33 9.25
C ALA D 158 33.84 3.69 8.94
N TYR D 159 32.52 3.71 8.85
CA TYR D 159 31.79 4.96 8.63
C TYR D 159 31.91 5.91 9.81
N LEU D 160 31.65 5.39 11.01
CA LEU D 160 31.67 6.21 12.22
C LEU D 160 33.03 6.87 12.46
N GLU D 161 34.12 6.14 12.21
CA GLU D 161 35.46 6.66 12.44
C GLU D 161 36.00 7.45 11.25
N GLY D 162 35.39 7.25 10.08
CA GLY D 162 35.84 7.92 8.88
C GLY D 162 34.91 9.05 8.45
N GLU D 163 34.03 8.74 7.50
CA GLU D 163 33.08 9.70 6.94
C GLU D 163 32.36 10.59 7.97
N CYS D 164 31.84 9.97 9.03
CA CYS D 164 31.01 10.69 9.99
C CYS D 164 31.79 11.81 10.67
N VAL D 165 32.97 11.48 11.15
CA VAL D 165 33.81 12.44 11.86
C VAL D 165 34.43 13.45 10.88
N GLU D 166 34.77 12.98 9.69
CA GLU D 166 35.35 13.86 8.67
C GLU D 166 34.36 14.92 8.23
N TRP D 167 33.09 14.53 8.09
CA TRP D 167 32.09 15.47 7.65
C TRP D 167 31.56 16.32 8.79
N LEU D 168 31.63 15.81 10.03
CA LEU D 168 31.36 16.66 11.17
C LEU D 168 32.32 17.85 11.17
N ARG D 169 33.59 17.58 10.90
CA ARG D 169 34.60 18.63 10.84
C ARG D 169 34.23 19.65 9.77
N ARG D 170 33.86 19.16 8.60
CA ARG D 170 33.47 20.02 7.49
C ARG D 170 32.21 20.84 7.82
N TYR D 171 31.23 20.22 8.46
CA TYR D 171 30.01 20.92 8.85
C TYR D 171 30.32 22.02 9.86
N LEU D 172 31.25 21.75 10.78
CA LEU D 172 31.62 22.74 11.78
C LEU D 172 32.34 23.92 11.14
N GLU D 173 32.99 23.68 10.01
CA GLU D 173 33.63 24.76 9.27
C GLU D 173 32.60 25.60 8.53
N LEU D 174 31.77 24.92 7.74
CA LEU D 174 30.72 25.57 6.96
C LEU D 174 29.85 26.51 7.78
N GLY D 175 29.44 26.07 8.96
CA GLY D 175 28.52 26.86 9.76
C GLY D 175 29.12 27.35 11.06
N ASN D 176 30.42 27.62 11.04
CA ASN D 176 31.14 28.10 12.23
C ASN D 176 30.51 29.33 12.88
N GLU D 177 30.03 30.27 12.07
CA GLU D 177 29.38 31.48 12.58
C GLU D 177 28.19 31.18 13.48
N THR D 178 27.44 30.11 13.18
CA THR D 178 26.23 29.83 13.94
C THR D 178 26.42 28.65 14.88
N LEU D 179 27.19 27.65 14.44
CA LEU D 179 27.35 26.43 15.22
C LEU D 179 28.23 26.60 16.46
N LEU D 180 29.21 27.50 16.39
CA LEU D 180 30.16 27.64 17.49
C LEU D 180 29.76 28.74 18.45
N ARG D 181 28.52 29.22 18.34
CA ARG D 181 28.08 30.34 19.15
C ARG D 181 27.52 29.87 20.48
N THR D 182 27.59 30.73 21.48
CA THR D 182 26.84 30.50 22.70
C THR D 182 26.03 31.74 23.04
N ASP D 183 24.74 31.72 22.68
CA ASP D 183 23.84 32.81 23.06
C ASP D 183 23.37 32.63 24.49
N SER D 184 23.81 33.52 25.37
CA SER D 184 23.44 33.45 26.77
C SER D 184 21.94 33.74 26.94
N PRO D 185 21.31 33.11 27.92
CA PRO D 185 19.88 33.36 28.10
C PRO D 185 19.58 34.72 28.70
N LYS D 186 18.49 35.34 28.27
CA LYS D 186 17.95 36.51 28.94
C LYS D 186 16.91 36.04 29.93
N ALA D 187 17.14 36.36 31.19
CA ALA D 187 16.36 35.82 32.27
C ALA D 187 15.62 36.92 33.03
N HIS D 188 14.47 36.58 33.57
CA HIS D 188 13.70 37.48 34.39
C HIS D 188 12.67 36.73 35.21
N VAL D 189 12.20 37.35 36.28
CA VAL D 189 11.16 36.75 37.09
C VAL D 189 9.83 37.45 36.82
N THR D 190 8.76 36.67 36.75
CA THR D 190 7.44 37.25 36.63
C THR D 190 6.61 36.86 37.85
N TYR D 191 5.65 37.72 38.18
CA TYR D 191 4.86 37.62 39.41
C TYR D 191 3.38 37.41 39.05
N HIS D 192 2.78 36.35 39.56
CA HIS D 192 1.40 36.01 39.22
C HIS D 192 0.59 35.65 40.46
N PRO D 193 -0.38 36.52 40.81
CA PRO D 193 -1.29 36.22 41.92
C PRO D 193 -1.93 34.83 41.80
N ARG D 194 -1.87 34.03 42.88
CA ARG D 194 -2.58 32.76 42.92
C ARG D 194 -3.83 32.90 43.76
N SER D 195 -3.73 32.50 45.02
CA SER D 195 -4.82 32.62 45.97
C SER D 195 -4.57 33.90 46.76
N GLN D 196 -5.30 34.10 47.84
CA GLN D 196 -5.03 35.21 48.73
C GLN D 196 -4.09 34.83 49.88
N VAL D 197 -3.44 33.67 49.77
CA VAL D 197 -2.44 33.28 50.76
C VAL D 197 -1.05 33.11 50.15
N ASP D 198 -0.98 32.45 49.00
CA ASP D 198 0.26 32.21 48.27
C ASP D 198 0.31 33.00 46.94
N VAL D 199 1.47 33.01 46.29
CA VAL D 199 1.61 33.62 44.97
C VAL D 199 2.67 32.87 44.14
N THR D 200 2.52 32.90 42.81
CA THR D 200 3.44 32.21 41.91
C THR D 200 4.63 33.05 41.43
N LEU D 201 5.83 32.50 41.54
CA LEU D 201 7.02 33.11 40.96
C LEU D 201 7.53 32.26 39.80
N ARG D 202 7.67 32.88 38.63
CA ARG D 202 8.14 32.16 37.44
C ARG D 202 9.45 32.75 36.92
N CYS D 203 10.48 31.92 36.89
CA CYS D 203 11.77 32.36 36.37
C CYS D 203 11.94 31.90 34.93
N TRP D 204 12.17 32.86 34.05
CA TRP D 204 12.24 32.61 32.60
C TRP D 204 13.68 32.59 32.09
N ALA D 205 13.99 31.68 31.18
CA ALA D 205 15.25 31.73 30.45
C ALA D 205 14.97 31.71 28.95
N LEU D 206 15.36 32.78 28.25
CA LEU D 206 14.99 32.95 26.84
C LEU D 206 16.17 33.21 25.94
N GLY D 207 16.05 32.78 24.68
CA GLY D 207 16.99 33.15 23.64
C GLY D 207 18.33 32.45 23.64
N PHE D 208 18.43 31.29 24.29
CA PHE D 208 19.74 30.68 24.44
C PHE D 208 20.02 29.52 23.48
N TYR D 209 21.32 29.37 23.20
CA TYR D 209 21.87 28.26 22.44
C TYR D 209 23.27 28.04 22.95
N PRO D 210 23.66 26.77 23.20
CA PRO D 210 22.89 25.54 22.95
C PRO D 210 21.79 25.31 23.99
N ALA D 211 21.11 24.17 23.90
CA ALA D 211 19.87 23.95 24.65
C ALA D 211 20.10 23.53 26.11
N ASP D 212 21.30 23.05 26.40
CA ASP D 212 21.67 22.62 27.74
C ASP D 212 21.63 23.82 28.69
N ILE D 213 20.87 23.70 29.76
CA ILE D 213 20.74 24.78 30.74
C ILE D 213 20.37 24.22 32.10
N THR D 214 20.63 25.00 33.15
CA THR D 214 20.24 24.63 34.50
C THR D 214 19.46 25.78 35.13
N LEU D 215 18.23 25.49 35.51
CA LEU D 215 17.32 26.49 36.05
C LEU D 215 16.70 25.98 37.34
N THR D 216 16.95 26.69 38.43
CA THR D 216 16.37 26.32 39.72
C THR D 216 16.03 27.51 40.58
N TRP D 217 15.30 27.23 41.66
CA TRP D 217 15.01 28.20 42.70
C TRP D 217 15.67 27.69 43.96
N GLN D 218 16.03 28.61 44.85
CA GLN D 218 16.44 28.23 46.21
C GLN D 218 15.72 29.16 47.20
N LEU D 219 15.47 28.66 48.40
CA LEU D 219 14.64 29.33 49.40
C LEU D 219 15.42 30.00 50.51
N ASN D 220 15.99 31.19 50.24
CA ASN D 220 16.76 31.98 51.25
C ASN D 220 18.20 31.61 51.25
N GLY D 221 18.53 30.54 50.54
CA GLY D 221 19.89 30.10 50.46
C GLY D 221 20.22 28.94 49.52
N GLU D 222 19.87 27.65 49.74
CA GLU D 222 19.08 26.93 50.78
C GLU D 222 18.52 25.59 50.16
N ASP D 223 18.86 25.25 48.90
CA ASP D 223 18.06 24.22 48.18
C ASP D 223 16.55 24.52 48.30
N LEU D 224 15.73 23.48 48.54
CA LEU D 224 14.28 23.62 48.48
C LEU D 224 13.59 22.29 48.77
N THR D 225 12.43 22.34 49.42
CA THR D 225 11.51 21.21 49.39
C THR D 225 10.03 21.64 49.46
N GLN D 226 9.39 21.58 48.29
CA GLN D 226 8.05 22.07 47.99
C GLN D 226 8.12 21.96 46.48
N ASP D 227 9.35 22.21 46.04
CA ASP D 227 9.82 22.10 44.67
C ASP D 227 8.97 22.75 43.59
N MET D 228 9.44 22.53 42.37
CA MET D 228 9.13 23.34 41.21
C MET D 228 8.27 22.72 40.14
N GLU D 229 7.58 23.58 39.40
CA GLU D 229 7.21 23.19 38.06
C GLU D 229 8.40 23.65 37.21
N LEU D 230 8.98 22.71 36.47
CA LEU D 230 10.09 23.02 35.58
C LEU D 230 9.77 22.43 34.22
N VAL D 231 9.39 23.28 33.27
CA VAL D 231 8.97 22.79 31.96
C VAL D 231 10.12 22.31 31.09
N GLU D 232 9.78 21.45 30.15
CA GLU D 232 10.73 20.96 29.16
C GLU D 232 11.28 22.13 28.37
N THR D 233 12.60 22.14 28.16
CA THR D 233 13.21 23.07 27.24
C THR D 233 12.49 22.99 25.89
N ARG D 234 12.26 24.14 25.27
CA ARG D 234 11.43 24.22 24.08
C ARG D 234 12.04 25.18 23.07
N PRO D 235 11.84 24.90 21.77
CA PRO D 235 12.45 25.74 20.72
C PRO D 235 11.67 27.01 20.47
N ALA D 236 12.39 28.13 20.37
CA ALA D 236 11.78 29.42 20.12
C ALA D 236 11.29 29.52 18.67
N GLY D 237 11.88 28.72 17.80
CA GLY D 237 11.51 28.71 16.40
C GLY D 237 12.59 29.31 15.53
N ASP D 238 13.53 30.04 16.14
CA ASP D 238 14.58 30.69 15.38
C ASP D 238 15.98 30.12 15.67
N GLY D 239 16.05 28.92 16.20
CA GLY D 239 17.32 28.32 16.57
C GLY D 239 17.73 28.50 18.02
N THR D 240 16.99 29.33 18.76
CA THR D 240 17.25 29.46 20.20
C THR D 240 16.16 28.73 20.98
N PHE D 241 16.34 28.69 22.30
CA PHE D 241 15.49 27.87 23.15
C PHE D 241 14.95 28.63 24.35
N GLN D 242 13.93 28.06 24.97
CA GLN D 242 13.29 28.67 26.11
C GLN D 242 13.09 27.64 27.22
N LYS D 243 13.02 28.11 28.46
CA LYS D 243 12.67 27.26 29.60
C LYS D 243 12.17 28.17 30.71
N TRP D 244 11.28 27.66 31.56
CA TRP D 244 11.03 28.37 32.80
C TRP D 244 10.82 27.42 33.97
N ALA D 245 11.02 27.96 35.17
CA ALA D 245 10.86 27.23 36.42
C ALA D 245 10.00 28.05 37.36
N ALA D 246 8.99 27.42 37.95
CA ALA D 246 8.06 28.17 38.78
C ALA D 246 7.90 27.55 40.16
N VAL D 247 7.68 28.40 41.17
CA VAL D 247 7.40 27.96 42.53
C VAL D 247 6.26 28.76 43.14
N VAL D 248 5.51 28.12 44.02
CA VAL D 248 4.44 28.78 44.74
C VAL D 248 4.95 29.25 46.09
N VAL D 249 4.96 30.55 46.31
CA VAL D 249 5.61 31.10 47.51
C VAL D 249 4.64 31.87 48.41
N PRO D 250 4.86 31.78 49.73
CA PRO D 250 4.03 32.52 50.70
C PRO D 250 4.04 34.02 50.42
N LEU D 251 2.86 34.63 50.40
CA LEU D 251 2.76 36.07 50.23
C LEU D 251 3.52 36.74 51.36
N GLY D 252 4.33 37.74 51.03
CA GLY D 252 5.14 38.40 52.02
C GLY D 252 6.53 37.81 52.16
N LYS D 253 6.74 36.62 51.59
CA LYS D 253 8.01 35.91 51.74
C LYS D 253 8.81 35.81 50.43
N GLU D 254 8.42 36.59 49.42
CA GLU D 254 9.01 36.47 48.08
C GLU D 254 10.50 36.79 48.01
N GLN D 255 11.00 37.50 49.01
CA GLN D 255 12.37 37.97 49.00
C GLN D 255 13.33 36.90 49.48
N ASN D 256 12.78 35.78 49.92
CA ASN D 256 13.60 34.66 50.35
C ASN D 256 13.82 33.70 49.20
N TYR D 257 13.32 34.06 48.04
CA TYR D 257 13.45 33.17 46.90
C TYR D 257 14.38 33.79 45.86
N THR D 258 15.30 32.98 45.35
CA THR D 258 16.18 33.41 44.29
C THR D 258 16.16 32.40 43.16
N CYS D 259 16.28 32.89 41.94
CA CYS D 259 16.39 32.00 40.80
C CYS D 259 17.83 31.96 40.30
N HIS D 260 18.34 30.75 40.07
CA HIS D 260 19.70 30.58 39.60
C HIS D 260 19.70 30.05 38.17
N VAL D 261 20.58 30.60 37.34
CA VAL D 261 20.66 30.20 35.96
C VAL D 261 22.11 29.92 35.58
N HIS D 262 22.38 28.70 35.12
CA HIS D 262 23.70 28.34 34.62
C HIS D 262 23.63 28.02 33.14
N HIS D 263 24.53 28.59 32.36
CA HIS D 263 24.58 28.29 30.94
C HIS D 263 26.00 28.55 30.46
N LYS D 264 26.43 27.76 29.47
CA LYS D 264 27.79 27.87 28.96
C LYS D 264 28.04 29.22 28.27
N GLY D 265 26.97 29.94 27.94
CA GLY D 265 27.15 31.26 27.37
C GLY D 265 27.09 32.35 28.44
N LEU D 266 27.02 31.95 29.71
CA LEU D 266 27.05 32.88 30.83
C LEU D 266 28.40 32.86 31.53
N PRO D 267 29.20 33.94 31.38
CA PRO D 267 30.51 34.04 32.03
C PRO D 267 30.40 33.95 33.54
N GLU D 268 29.28 34.45 34.08
CA GLU D 268 28.95 34.20 35.47
C GLU D 268 27.51 33.67 35.58
N PRO D 269 27.29 32.68 36.45
CA PRO D 269 25.92 32.24 36.71
C PRO D 269 25.05 33.40 37.16
N LEU D 270 23.76 33.32 36.85
CA LEU D 270 22.83 34.38 37.20
C LEU D 270 22.09 34.07 38.49
N THR D 271 21.83 35.12 39.27
CA THR D 271 21.03 34.98 40.48
C THR D 271 19.98 36.07 40.48
N LEU D 272 18.72 35.66 40.45
CA LEU D 272 17.63 36.61 40.32
C LEU D 272 16.69 36.54 41.51
N ARG D 273 16.44 37.70 42.09
CA ARG D 273 15.45 37.86 43.13
C ARG D 273 14.36 38.71 42.53
N TRP D 274 13.17 38.68 43.10
CA TRP D 274 12.14 39.58 42.59
C TRP D 274 12.06 40.86 43.43
N ILE E 1 3.56 0.63 24.77
CA ILE E 1 3.88 0.82 23.35
C ILE E 1 3.55 2.28 22.97
N GLN E 2 2.63 2.92 23.70
CA GLN E 2 2.18 4.27 23.36
C GLN E 2 2.59 5.33 24.39
N ARG E 3 2.88 6.54 23.93
CA ARG E 3 3.11 7.69 24.80
C ARG E 3 2.22 8.89 24.49
N THR E 4 1.58 9.43 25.53
CA THR E 4 0.75 10.63 25.41
C THR E 4 1.62 11.87 25.16
N PRO E 5 1.22 12.72 24.20
CA PRO E 5 2.02 13.93 23.92
C PRO E 5 1.98 14.97 25.04
N LYS E 6 3.12 15.61 25.29
CA LYS E 6 3.16 16.79 26.12
C LYS E 6 2.92 17.97 25.20
N ILE E 7 2.22 18.98 25.71
CA ILE E 7 1.86 20.14 24.91
C ILE E 7 2.27 21.44 25.59
N GLN E 8 2.94 22.32 24.85
CA GLN E 8 3.26 23.65 25.36
C GLN E 8 2.91 24.69 24.30
N VAL E 9 2.15 25.71 24.70
CA VAL E 9 1.76 26.76 23.79
C VAL E 9 2.33 28.08 24.25
N TYR E 10 2.99 28.79 23.35
CA TYR E 10 3.80 29.94 23.73
C TYR E 10 4.24 30.69 22.48
N SER E 11 4.72 31.91 22.68
CA SER E 11 5.17 32.76 21.58
C SER E 11 6.69 32.79 21.50
N ARG E 12 7.20 32.93 20.28
CA ARG E 12 8.64 33.00 20.05
C ARG E 12 9.21 34.14 20.87
N HIS E 13 8.91 35.37 20.48
CA HIS E 13 9.30 36.53 21.27
C HIS E 13 8.22 36.80 22.31
N PRO E 14 8.58 37.44 23.43
CA PRO E 14 7.54 37.63 24.45
C PRO E 14 6.42 38.57 23.95
N ALA E 15 5.22 38.38 24.49
CA ALA E 15 4.03 38.92 23.86
C ALA E 15 3.77 40.40 24.15
N GLU E 16 3.68 41.20 23.10
CA GLU E 16 3.14 42.55 23.22
C GLU E 16 2.30 42.94 22.01
N ASN E 17 1.11 43.45 22.29
CA ASN E 17 0.06 43.74 21.33
C ASN E 17 0.47 44.62 20.14
N GLY E 18 0.16 44.14 18.94
CA GLY E 18 0.45 44.90 17.73
C GLY E 18 1.70 44.45 16.96
N LYS E 19 2.66 43.87 17.65
CA LYS E 19 3.89 43.37 17.03
C LYS E 19 3.72 41.95 16.49
N SER E 20 4.06 41.75 15.21
CA SER E 20 4.01 40.42 14.62
C SER E 20 4.98 39.48 15.33
N ASN E 21 4.42 38.43 15.90
CA ASN E 21 5.17 37.43 16.64
C ASN E 21 5.04 36.09 15.92
N PHE E 22 5.46 35.03 16.58
CA PHE E 22 5.20 33.68 16.11
C PHE E 22 4.55 32.86 17.22
N LEU E 23 3.50 32.14 16.87
CA LEU E 23 2.80 31.32 17.85
C LEU E 23 3.28 29.89 17.71
N ASN E 24 3.70 29.30 18.81
CA ASN E 24 4.27 27.97 18.79
C ASN E 24 3.39 26.99 19.53
N CYS E 25 3.36 25.77 19.04
CA CYS E 25 2.82 24.65 19.80
C CYS E 25 3.86 23.54 19.71
N TYR E 26 4.44 23.22 20.85
CA TYR E 26 5.49 22.22 20.92
C TYR E 26 4.93 20.93 21.51
N VAL E 27 4.81 19.92 20.66
CA VAL E 27 4.29 18.63 21.09
C VAL E 27 5.45 17.66 21.14
N SER E 28 5.56 16.92 22.24
CA SER E 28 6.77 16.17 22.49
C SER E 28 6.51 14.92 23.30
N GLY E 29 7.51 14.04 23.34
CA GLY E 29 7.42 12.84 24.14
C GLY E 29 6.30 11.90 23.74
N PHE E 30 5.86 11.96 22.49
CA PHE E 30 4.73 11.12 22.08
C PHE E 30 5.14 9.95 21.18
N HIS E 31 4.31 8.91 21.22
CA HIS E 31 4.46 7.74 20.38
C HIS E 31 3.11 7.05 20.28
N PRO E 32 2.69 6.65 19.06
CA PRO E 32 3.39 6.77 17.77
C PRO E 32 3.38 8.19 17.17
N SER E 33 3.84 8.32 15.94
CA SER E 33 4.15 9.63 15.37
C SER E 33 2.99 10.32 14.66
N ASP E 34 1.89 9.61 14.45
CA ASP E 34 0.72 10.21 13.83
C ASP E 34 0.05 11.14 14.84
N ILE E 35 -0.07 12.41 14.49
CA ILE E 35 -0.60 13.40 15.42
C ILE E 35 -1.29 14.54 14.68
N GLU E 36 -2.43 14.98 15.22
CA GLU E 36 -3.14 16.14 14.68
C GLU E 36 -2.88 17.36 15.53
N VAL E 37 -2.39 18.42 14.92
CA VAL E 37 -2.14 19.66 15.66
C VAL E 37 -2.68 20.88 14.91
N ASP E 38 -3.57 21.62 15.57
CA ASP E 38 -4.11 22.83 14.96
C ASP E 38 -3.92 24.04 15.86
N LEU E 39 -3.67 25.18 15.24
CA LEU E 39 -3.64 26.43 15.97
C LEU E 39 -4.98 27.13 15.77
N LEU E 40 -5.56 27.64 16.85
CA LEU E 40 -6.88 28.22 16.79
C LEU E 40 -6.88 29.70 17.14
N LYS E 41 -7.44 30.51 16.25
CA LYS E 41 -7.74 31.91 16.55
C LYS E 41 -9.23 32.04 16.87
N ASN E 42 -9.51 32.36 18.13
CA ASN E 42 -10.89 32.52 18.62
C ASN E 42 -11.70 31.24 18.44
N GLY E 43 -11.04 30.11 18.66
CA GLY E 43 -11.69 28.80 18.57
C GLY E 43 -11.79 28.19 17.18
N GLU E 44 -11.40 28.93 16.14
CA GLU E 44 -11.44 28.33 14.81
C GLU E 44 -10.03 28.22 14.20
N ARG E 45 -9.90 27.28 13.26
CA ARG E 45 -8.60 26.78 12.83
C ARG E 45 -7.82 27.67 11.87
N ILE E 46 -6.55 27.92 12.20
CA ILE E 46 -5.66 28.72 11.36
C ILE E 46 -5.09 27.86 10.22
N GLU E 47 -5.00 28.45 9.02
CA GLU E 47 -4.62 27.72 7.82
C GLU E 47 -3.13 27.76 7.50
N LYS E 48 -2.51 28.94 7.59
CA LYS E 48 -1.08 29.01 7.27
C LYS E 48 -0.29 28.65 8.52
N VAL E 49 -0.25 27.35 8.81
CA VAL E 49 0.53 26.81 9.90
C VAL E 49 1.55 25.83 9.36
N GLU E 50 2.80 25.97 9.78
CA GLU E 50 3.86 25.06 9.36
C GLU E 50 4.33 24.21 10.54
N HIS E 51 5.04 23.14 10.26
CA HIS E 51 5.68 22.38 11.32
C HIS E 51 7.12 21.99 10.98
N SER E 52 7.87 21.64 12.02
CA SER E 52 9.24 21.15 11.85
C SER E 52 9.25 19.73 11.30
N ASP E 53 10.41 19.23 10.89
CA ASP E 53 10.51 17.85 10.45
C ASP E 53 10.44 16.87 11.62
N LEU E 54 9.74 15.75 11.43
CA LEU E 54 9.65 14.72 12.45
C LEU E 54 11.03 14.31 12.95
N SER E 55 11.25 14.45 14.25
CA SER E 55 12.47 13.97 14.87
C SER E 55 12.11 13.35 16.22
N PHE E 56 13.10 12.79 16.91
CA PHE E 56 12.83 12.13 18.18
C PHE E 56 13.99 12.20 19.18
N SER E 57 13.69 11.91 20.44
CA SER E 57 14.63 12.10 21.52
C SER E 57 15.42 10.83 21.82
N LYS E 58 16.16 10.85 22.92
CA LYS E 58 16.96 9.70 23.34
C LYS E 58 16.11 8.47 23.63
N ASP E 59 14.88 8.68 24.08
CA ASP E 59 13.98 7.59 24.44
C ASP E 59 13.07 7.18 23.28
N TRP E 60 13.44 7.64 22.08
CA TRP E 60 12.73 7.34 20.84
C TRP E 60 11.36 8.05 20.72
N SER E 61 10.98 8.85 21.70
CA SER E 61 9.70 9.57 21.63
C SER E 61 9.81 10.74 20.67
N PHE E 62 8.74 11.02 19.94
CA PHE E 62 8.77 12.02 18.88
C PHE E 62 8.56 13.45 19.41
N TYR E 63 9.01 14.43 18.65
CA TYR E 63 8.71 15.83 18.97
C TYR E 63 8.53 16.65 17.69
N LEU E 64 7.58 17.59 17.74
CA LEU E 64 7.30 18.48 16.62
C LEU E 64 6.99 19.90 17.09
N LEU E 65 7.37 20.88 16.27
CA LEU E 65 6.99 22.26 16.56
C LEU E 65 6.06 22.79 15.46
N TYR E 66 4.84 23.16 15.85
CA TYR E 66 3.88 23.77 14.93
C TYR E 66 3.86 25.28 15.19
N TYR E 67 3.99 26.06 14.12
CA TYR E 67 4.16 27.50 14.27
C TYR E 67 3.50 28.31 13.14
N THR E 68 3.12 29.54 13.46
CA THR E 68 2.56 30.47 12.49
C THR E 68 2.85 31.91 12.93
N GLU E 69 3.07 32.79 11.95
CA GLU E 69 3.16 34.21 12.22
C GLU E 69 1.80 34.73 12.65
N PHE E 70 1.79 35.64 13.63
CA PHE E 70 0.52 36.21 14.08
C PHE E 70 0.79 37.52 14.78
N THR E 71 -0.27 38.30 15.01
CA THR E 71 -0.17 39.54 15.76
C THR E 71 -1.11 39.50 16.95
N PRO E 72 -0.57 39.25 18.14
CA PRO E 72 -1.42 39.13 19.34
C PRO E 72 -2.05 40.48 19.72
N THR E 73 -3.34 40.44 20.05
CA THR E 73 -4.05 41.61 20.54
C THR E 73 -4.58 41.41 21.96
N GLU E 74 -5.16 42.48 22.52
CA GLU E 74 -5.80 42.39 23.83
C GLU E 74 -6.96 41.41 23.80
N LYS E 75 -7.68 41.39 22.67
CA LYS E 75 -8.94 40.66 22.56
C LYS E 75 -8.69 39.17 22.26
N ASP E 76 -8.02 38.92 21.15
CA ASP E 76 -7.91 37.61 20.51
C ASP E 76 -7.44 36.46 21.38
N GLU E 77 -8.28 35.44 21.50
CA GLU E 77 -7.91 34.19 22.16
C GLU E 77 -7.19 33.26 21.20
N TYR E 78 -6.19 32.54 21.70
CA TYR E 78 -5.46 31.58 20.89
C TYR E 78 -5.33 30.26 21.62
N ALA E 79 -5.21 29.18 20.86
CA ALA E 79 -5.07 27.87 21.48
C ALA E 79 -4.41 26.86 20.54
N CYS E 80 -4.11 25.69 21.10
CA CYS E 80 -3.59 24.59 20.32
C CYS E 80 -4.50 23.38 20.50
N ARG E 81 -4.93 22.79 19.38
CA ARG E 81 -5.77 21.61 19.43
C ARG E 81 -4.96 20.41 18.97
N VAL E 82 -4.89 19.40 19.84
CA VAL E 82 -4.09 18.23 19.57
C VAL E 82 -4.91 16.95 19.65
N ASN E 83 -4.89 16.16 18.58
CA ASN E 83 -5.45 14.83 18.67
C ASN E 83 -4.38 13.77 18.41
N HIS E 84 -4.50 12.66 19.12
CA HIS E 84 -3.52 11.59 19.10
C HIS E 84 -4.24 10.36 19.59
N VAL E 85 -3.75 9.19 19.22
CA VAL E 85 -4.43 7.93 19.55
C VAL E 85 -4.60 7.75 21.07
N THR E 86 -3.68 8.32 21.85
CA THR E 86 -3.72 8.21 23.31
C THR E 86 -4.78 9.11 23.92
N LEU E 87 -5.30 10.07 23.15
CA LEU E 87 -6.29 11.01 23.65
C LEU E 87 -7.68 10.61 23.16
N SER E 88 -8.59 10.35 24.10
CA SER E 88 -9.96 9.93 23.78
C SER E 88 -10.78 11.08 23.19
N GLN E 89 -10.24 12.30 23.29
CA GLN E 89 -10.81 13.44 22.59
C GLN E 89 -9.71 14.49 22.44
N PRO E 90 -9.85 15.41 21.45
CA PRO E 90 -8.86 16.46 21.24
C PRO E 90 -8.54 17.21 22.53
N LYS E 91 -7.25 17.34 22.86
CA LYS E 91 -6.88 18.16 23.99
C LYS E 91 -6.63 19.57 23.51
N ILE E 92 -7.23 20.54 24.18
CA ILE E 92 -7.05 21.93 23.82
C ILE E 92 -6.33 22.68 24.92
N VAL E 93 -5.19 23.26 24.57
CA VAL E 93 -4.39 24.04 25.51
C VAL E 93 -4.37 25.49 25.02
N LYS E 94 -4.85 26.39 25.86
CA LYS E 94 -5.02 27.77 25.42
C LYS E 94 -3.71 28.52 25.59
N TRP E 95 -3.49 29.51 24.74
CA TRP E 95 -2.27 30.29 24.82
C TRP E 95 -2.32 31.23 26.01
N ASP E 96 -1.32 31.11 26.89
CA ASP E 96 -1.19 32.02 28.02
C ASP E 96 0.13 32.79 27.96
N ARG E 97 0.04 34.12 27.96
CA ARG E 97 1.20 35.02 27.92
C ARG E 97 2.24 34.76 29.01
N ASP E 98 1.78 34.24 30.13
CA ASP E 98 2.60 34.14 31.32
C ASP E 98 3.21 32.76 31.46
N MET E 99 3.09 31.94 30.42
CA MET E 99 3.39 30.54 30.58
C MET E 99 3.91 29.90 29.29
N PHE F 1 26.97 13.59 6.87
CA PHE F 1 26.98 12.62 5.79
C PHE F 1 26.20 11.36 6.16
N TYR F 2 25.16 11.05 5.40
CA TYR F 2 24.32 9.88 5.67
C TYR F 2 25.12 8.58 5.62
N ALA F 3 24.69 7.61 6.42
CA ALA F 3 25.30 6.29 6.47
C ALA F 3 25.32 5.63 5.09
N PRO F 4 26.33 4.79 4.83
CA PRO F 4 26.42 4.07 3.56
C PRO F 4 25.38 2.95 3.50
N GLU F 5 24.92 2.60 2.29
CA GLU F 5 23.94 1.54 2.04
C GLU F 5 24.03 0.36 3.01
N PRO F 6 22.88 -0.04 3.59
CA PRO F 6 22.85 -1.24 4.42
C PRO F 6 23.30 -2.44 3.59
N ILE F 7 23.99 -3.40 4.20
CA ILE F 7 24.46 -4.57 3.45
C ILE F 7 23.78 -5.87 3.91
N THR F 8 23.45 -5.96 5.19
CA THR F 8 22.72 -7.10 5.70
C THR F 8 21.30 -6.66 6.01
N SER F 9 20.37 -7.61 6.03
CA SER F 9 18.97 -7.29 6.25
C SER F 9 18.57 -7.57 7.70
N LEU F 10 17.39 -7.10 8.10
CA LEU F 10 16.90 -7.34 9.44
C LEU F 10 16.63 -8.83 9.62
#